data_4BVQ
#
_entry.id   4BVQ
#
_cell.length_a   130.659
_cell.length_b   130.659
_cell.length_c   236.947
_cell.angle_alpha   90.00
_cell.angle_beta   90.00
_cell.angle_gamma   120.00
#
_symmetry.space_group_name_H-M   'H 3 2'
#
loop_
_entity.id
_entity.type
_entity.pdbx_description
1 polymer 'CYANURIC ACID AMIDOHYDROLASE'
2 non-polymer 'PHOSPHATE ION'
3 non-polymer 'MAGNESIUM ION'
4 non-polymer DI(HYDROXYETHYL)ETHER
5 water water
#
_entity_poly.entity_id   1
_entity_poly.type   'polypeptide(L)'
_entity_poly.pdbx_seq_one_letter_code
;MGSSHHHHHHSSGLVPRGSHMYHIDVFRIPCHSPGDTSGLEDLIETGRVAPADIVAVMGKTEGNGCVNDYTREYATAMLA
ACLGRHLQLPPHEVEKRVAFVMSGGTEGVLSPHHTVFARRPAIDAHRPAGKRLTLGIAFTRDFLPEEIGRHAQITETAGA
VKRAMRDAGIASIDDLHFVQVKCPLLTPAKIASARSRGCAPVTTDTYESMGYSRGASALGIALATEEVPSSMLVDESVLN
DWSLSSSLASASAGIELEHNVVIAIGMSEQATSELVIAHGVMSDAIDAASVRRTIESLGIRSDDEMDRIVNVFAKAEASP
DGVVRGMRHTMLSDSDINSTRHARAVTGAAIASVVGHGMVYVSGGAEHQGPAGGGPFAVIARA
;
_entity_poly.pdbx_strand_id   A,B
#
# COMPACT_ATOMS: atom_id res chain seq x y z
N HIS A 20 4.70 -41.00 9.85
CA HIS A 20 4.52 -39.60 9.37
C HIS A 20 3.35 -39.49 8.39
N MET A 21 2.18 -39.83 8.90
CA MET A 21 0.95 -39.91 8.13
C MET A 21 -0.08 -39.07 8.87
N TYR A 22 -0.47 -37.93 8.30
CA TYR A 22 -1.23 -36.94 9.06
C TYR A 22 -2.53 -36.46 8.42
N HIS A 23 -3.39 -35.91 9.27
CA HIS A 23 -4.50 -35.07 8.83
C HIS A 23 -4.23 -33.66 9.36
N ILE A 24 -4.09 -32.70 8.46
CA ILE A 24 -3.83 -31.31 8.84
C ILE A 24 -5.09 -30.48 8.70
N ASP A 25 -5.42 -29.74 9.75
CA ASP A 25 -6.48 -28.73 9.71
C ASP A 25 -5.85 -27.34 9.80
N VAL A 26 -6.40 -26.39 9.06
CA VAL A 26 -5.91 -25.02 9.03
C VAL A 26 -7.08 -24.05 9.19
N PHE A 27 -6.96 -23.15 10.16
CA PHE A 27 -8.03 -22.19 10.46
C PHE A 27 -7.48 -20.77 10.44
N ARG A 28 -8.13 -19.91 9.67
CA ARG A 28 -7.80 -18.49 9.69
C ARG A 28 -8.80 -17.81 10.60
N ILE A 29 -8.31 -17.17 11.65
N ILE A 29 -8.29 -17.14 11.63
CA ILE A 29 -9.19 -16.52 12.64
CA ILE A 29 -9.15 -16.51 12.60
C ILE A 29 -8.83 -15.05 12.85
C ILE A 29 -8.82 -15.05 12.84
N PRO A 30 -9.83 -14.15 12.76
CA PRO A 30 -9.61 -12.73 12.99
C PRO A 30 -9.20 -12.42 14.42
N CYS A 31 -8.39 -11.38 14.58
CA CYS A 31 -8.02 -10.86 15.89
C CYS A 31 -8.47 -9.41 15.98
N HIS A 32 -9.13 -9.05 17.08
N HIS A 32 -9.13 -9.06 17.09
CA HIS A 32 -9.53 -7.67 17.30
CA HIS A 32 -9.54 -7.68 17.35
C HIS A 32 -8.41 -6.84 17.93
C HIS A 32 -8.39 -6.84 17.91
N SER A 33 -7.36 -7.52 18.39
CA SER A 33 -6.18 -6.88 19.01
C SER A 33 -5.11 -7.97 19.21
N PRO A 34 -3.85 -7.60 19.51
CA PRO A 34 -2.79 -8.63 19.58
C PRO A 34 -3.01 -9.73 20.62
N GLY A 35 -3.61 -9.38 21.74
CA GLY A 35 -3.86 -10.33 22.83
C GLY A 35 -5.15 -11.13 22.72
N ASP A 36 -5.89 -10.94 21.63
CA ASP A 36 -7.20 -11.56 21.44
C ASP A 36 -7.08 -13.06 21.15
N THR A 37 -7.60 -13.88 22.06
CA THR A 37 -7.65 -15.33 21.86
C THR A 37 -9.09 -15.86 21.76
N SER A 38 -10.05 -14.95 21.63
CA SER A 38 -11.47 -15.30 21.60
C SER A 38 -11.80 -16.21 20.41
N GLY A 39 -11.18 -15.94 19.28
CA GLY A 39 -11.37 -16.77 18.11
C GLY A 39 -10.85 -18.20 18.31
N LEU A 40 -9.67 -18.32 18.91
CA LEU A 40 -9.11 -19.64 19.19
C LEU A 40 -9.98 -20.41 20.17
N GLU A 41 -10.42 -19.73 21.22
CA GLU A 41 -11.33 -20.33 22.21
C GLU A 41 -12.59 -20.88 21.54
N ASP A 42 -13.16 -20.10 20.64
CA ASP A 42 -14.35 -20.50 19.86
C ASP A 42 -14.12 -21.80 19.07
N LEU A 43 -12.96 -21.92 18.43
CA LEU A 43 -12.61 -23.15 17.69
C LEU A 43 -12.53 -24.35 18.64
N ILE A 44 -11.98 -24.13 19.82
CA ILE A 44 -11.87 -25.18 20.84
C ILE A 44 -13.25 -25.53 21.41
N GLU A 45 -14.01 -24.51 21.77
N GLU A 45 -14.02 -24.50 21.76
CA GLU A 45 -15.32 -24.69 22.41
CA GLU A 45 -15.35 -24.67 22.37
C GLU A 45 -16.34 -25.37 21.49
C GLU A 45 -16.33 -25.40 21.47
N THR A 46 -16.27 -25.08 20.18
CA THR A 46 -17.15 -25.71 19.19
C THR A 46 -16.61 -27.05 18.64
N GLY A 47 -15.52 -27.53 19.20
CA GLY A 47 -14.97 -28.85 18.86
C GLY A 47 -14.30 -28.97 17.49
N ARG A 48 -14.01 -27.83 16.87
CA ARG A 48 -13.38 -27.81 15.55
C ARG A 48 -11.88 -28.12 15.64
N VAL A 49 -11.30 -27.85 16.79
CA VAL A 49 -9.90 -28.21 17.03
C VAL A 49 -9.71 -28.65 18.48
N ALA A 50 -8.81 -29.62 18.68
CA ALA A 50 -8.38 -30.04 20.01
C ALA A 50 -7.06 -29.33 20.33
N PRO A 51 -6.97 -28.68 21.52
CA PRO A 51 -5.76 -27.95 21.92
C PRO A 51 -4.47 -28.75 21.76
N ALA A 52 -4.52 -30.04 22.09
CA ALA A 52 -3.32 -30.89 22.04
C ALA A 52 -2.83 -31.18 20.61
N ASP A 53 -3.69 -30.96 19.62
CA ASP A 53 -3.35 -31.21 18.22
C ASP A 53 -2.68 -30.01 17.52
N ILE A 54 -2.75 -28.84 18.14
CA ILE A 54 -2.18 -27.62 17.53
C ILE A 54 -0.66 -27.74 17.49
N VAL A 55 -0.08 -27.58 16.29
N VAL A 55 -0.09 -27.59 16.30
CA VAL A 55 1.37 -27.70 16.10
CA VAL A 55 1.36 -27.71 16.10
C VAL A 55 2.06 -26.39 15.70
C VAL A 55 2.05 -26.40 15.69
N ALA A 56 1.28 -25.45 15.16
CA ALA A 56 1.83 -24.15 14.73
C ALA A 56 0.77 -23.06 14.66
N VAL A 57 1.20 -21.83 14.94
CA VAL A 57 0.36 -20.66 14.71
C VAL A 57 1.21 -19.60 14.00
N MET A 58 0.72 -19.16 12.84
CA MET A 58 1.31 -18.02 12.11
C MET A 58 0.37 -16.84 12.22
N GLY A 59 0.85 -15.76 12.83
CA GLY A 59 0.03 -14.58 13.06
C GLY A 59 0.53 -13.32 12.39
N LYS A 60 -0.41 -12.44 12.09
CA LYS A 60 -0.14 -11.06 11.73
C LYS A 60 -0.65 -10.17 12.86
N THR A 61 0.26 -9.45 13.49
CA THR A 61 -0.06 -8.60 14.62
C THR A 61 0.19 -7.12 14.27
N GLU A 62 -0.56 -6.25 14.90
CA GLU A 62 -0.67 -4.85 14.44
C GLU A 62 0.34 -3.87 15.04
N GLY A 63 1.45 -4.38 15.55
CA GLY A 63 2.60 -3.53 15.88
C GLY A 63 3.31 -3.10 14.59
N ASN A 64 4.45 -2.44 14.72
CA ASN A 64 5.15 -1.90 13.53
C ASN A 64 5.94 -2.90 12.71
N GLY A 65 6.03 -4.14 13.21
CA GLY A 65 6.73 -5.22 12.51
C GLY A 65 8.24 -5.07 12.48
N CYS A 66 8.77 -4.12 13.24
CA CYS A 66 10.19 -3.81 13.19
C CYS A 66 10.84 -4.19 14.53
N VAL A 67 11.73 -3.37 15.07
CA VAL A 67 12.50 -3.75 16.24
C VAL A 67 11.66 -3.72 17.51
N ASN A 68 11.10 -2.53 17.82
CA ASN A 68 10.28 -2.36 19.01
C ASN A 68 8.81 -2.68 18.77
N ASP A 69 8.56 -3.87 18.26
CA ASP A 69 7.20 -4.39 18.15
C ASP A 69 7.07 -5.51 19.17
N TYR A 70 6.35 -5.21 20.24
CA TYR A 70 6.06 -6.19 21.28
C TYR A 70 4.68 -6.83 21.15
N THR A 71 3.95 -6.47 20.08
CA THR A 71 2.67 -7.12 19.79
C THR A 71 2.87 -8.59 19.43
N ARG A 72 4.04 -8.90 18.87
CA ARG A 72 4.40 -10.26 18.48
C ARG A 72 4.53 -11.16 19.72
N GLU A 73 5.32 -10.69 20.67
CA GLU A 73 5.52 -11.40 21.94
C GLU A 73 4.22 -11.50 22.74
N TYR A 74 3.45 -10.42 22.75
CA TYR A 74 2.18 -10.38 23.47
C TYR A 74 1.19 -11.40 22.93
N ALA A 75 1.06 -11.44 21.60
CA ALA A 75 0.19 -12.42 20.94
C ALA A 75 0.61 -13.84 21.32
N THR A 76 1.91 -14.12 21.24
CA THR A 76 2.46 -15.44 21.61
C THR A 76 2.15 -15.78 23.06
N ALA A 77 2.37 -14.81 23.95
CA ALA A 77 2.11 -15.00 25.39
C ALA A 77 0.66 -15.38 25.67
N MET A 78 -0.27 -14.67 25.01
CA MET A 78 -1.70 -14.92 25.24
C MET A 78 -2.17 -16.24 24.61
N LEU A 79 -1.65 -16.57 23.43
CA LEU A 79 -1.96 -17.87 22.81
C LEU A 79 -1.43 -19.02 23.66
N ALA A 80 -0.17 -18.90 24.09
CA ALA A 80 0.48 -19.91 24.93
C ALA A 80 -0.23 -20.07 26.28
N ALA A 81 -0.68 -18.96 26.86
CA ALA A 81 -1.45 -18.99 28.11
C ALA A 81 -2.80 -19.68 27.90
N CYS A 82 -3.46 -19.35 26.80
CA CYS A 82 -4.74 -19.96 26.42
C CYS A 82 -4.62 -21.49 26.31
N LEU A 83 -3.68 -21.94 25.49
CA LEU A 83 -3.46 -23.38 25.30
C LEU A 83 -2.90 -24.04 26.56
N GLY A 84 -2.11 -23.29 27.33
CA GLY A 84 -1.53 -23.79 28.57
C GLY A 84 -2.59 -24.18 29.59
N ARG A 85 -3.66 -23.38 29.64
CA ARG A 85 -4.81 -23.67 30.50
C ARG A 85 -5.49 -25.00 30.10
N HIS A 86 -5.74 -25.18 28.81
CA HIS A 86 -6.38 -26.41 28.31
C HIS A 86 -5.51 -27.64 28.45
N LEU A 87 -4.21 -27.47 28.31
CA LEU A 87 -3.25 -28.59 28.37
C LEU A 87 -2.62 -28.75 29.75
N GLN A 88 -2.97 -27.87 30.69
CA GLN A 88 -2.33 -27.82 32.01
C GLN A 88 -0.81 -27.81 31.87
N LEU A 89 -0.32 -26.85 31.09
CA LEU A 89 1.12 -26.63 30.91
C LEU A 89 1.43 -25.15 31.15
N PRO A 90 2.64 -24.85 31.64
CA PRO A 90 3.07 -23.45 31.67
C PRO A 90 3.27 -22.93 30.25
N PRO A 91 2.94 -21.64 30.01
CA PRO A 91 3.08 -21.06 28.66
C PRO A 91 4.42 -21.33 27.98
N HIS A 92 5.51 -21.21 28.73
N HIS A 92 5.51 -21.20 28.73
CA HIS A 92 6.85 -21.41 28.19
CA HIS A 92 6.85 -21.40 28.17
C HIS A 92 7.09 -22.84 27.69
C HIS A 92 7.09 -22.84 27.69
N GLU A 93 6.35 -23.79 28.26
CA GLU A 93 6.39 -25.19 27.79
C GLU A 93 5.60 -25.33 26.49
N VAL A 94 4.48 -24.62 26.40
CA VAL A 94 3.64 -24.64 25.20
C VAL A 94 4.44 -24.14 23.98
N GLU A 95 5.31 -23.15 24.21
CA GLU A 95 6.15 -22.58 23.15
C GLU A 95 7.22 -23.54 22.60
N LYS A 96 7.56 -24.55 23.40
CA LYS A 96 8.48 -25.61 22.95
C LYS A 96 7.73 -26.70 22.18
N ARG A 97 6.42 -26.77 22.42
CA ARG A 97 5.53 -27.75 21.80
C ARG A 97 4.92 -27.25 20.48
N VAL A 98 4.60 -25.96 20.44
CA VAL A 98 3.94 -25.33 19.31
C VAL A 98 4.87 -24.29 18.68
N ALA A 99 4.96 -24.30 17.35
CA ALA A 99 5.76 -23.31 16.62
C ALA A 99 4.96 -22.01 16.46
N PHE A 100 5.30 -21.01 17.26
CA PHE A 100 4.66 -19.69 17.17
C PHE A 100 5.50 -18.79 16.27
N VAL A 101 4.89 -18.28 15.22
CA VAL A 101 5.53 -17.34 14.30
C VAL A 101 4.62 -16.12 14.19
N MET A 102 4.97 -15.06 14.90
CA MET A 102 4.19 -13.83 14.87
C MET A 102 4.92 -12.80 14.03
N SER A 103 4.30 -12.41 12.93
CA SER A 103 4.84 -11.43 12.01
C SER A 103 4.10 -10.11 12.23
N GLY A 104 4.82 -9.12 12.73
CA GLY A 104 4.23 -7.82 13.00
C GLY A 104 4.07 -6.99 11.74
N GLY A 105 3.26 -5.94 11.82
CA GLY A 105 3.07 -5.02 10.72
C GLY A 105 1.87 -5.42 9.89
N THR A 106 0.79 -4.66 10.04
CA THR A 106 -0.44 -4.86 9.28
C THR A 106 -0.86 -3.53 8.66
N GLU A 107 -0.04 -3.06 7.74
CA GLU A 107 -0.24 -1.76 7.10
C GLU A 107 -1.25 -1.85 5.96
N GLY A 108 -1.80 -0.71 5.58
CA GLY A 108 -2.77 -0.63 4.51
C GLY A 108 -4.02 -1.40 4.87
N VAL A 109 -4.41 -2.35 4.02
CA VAL A 109 -5.62 -3.14 4.27
C VAL A 109 -5.34 -4.44 5.02
N LEU A 110 -4.10 -4.69 5.41
CA LEU A 110 -3.77 -5.92 6.12
C LEU A 110 -4.57 -6.02 7.42
N SER A 111 -5.22 -7.16 7.61
CA SER A 111 -6.15 -7.36 8.73
C SER A 111 -5.56 -8.36 9.72
N PRO A 112 -5.36 -7.94 10.98
CA PRO A 112 -4.73 -8.84 11.94
C PRO A 112 -5.50 -10.12 12.17
N HIS A 113 -4.76 -11.21 12.29
CA HIS A 113 -5.35 -12.54 12.37
C HIS A 113 -4.29 -13.56 12.74
N HIS A 114 -4.77 -14.76 13.09
CA HIS A 114 -3.92 -15.93 13.26
C HIS A 114 -4.33 -17.01 12.27
N THR A 115 -3.34 -17.77 11.81
CA THR A 115 -3.60 -19.01 11.10
C THR A 115 -3.14 -20.13 12.03
N VAL A 116 -4.10 -20.93 12.48
CA VAL A 116 -3.84 -22.03 13.39
C VAL A 116 -3.71 -23.34 12.61
N PHE A 117 -2.63 -24.07 12.85
CA PHE A 117 -2.36 -25.35 12.19
C PHE A 117 -2.47 -26.47 13.22
N ALA A 118 -3.31 -27.45 12.92
CA ALA A 118 -3.49 -28.62 13.80
C ALA A 118 -3.13 -29.88 13.04
N ARG A 119 -2.53 -30.83 13.76
CA ARG A 119 -2.08 -32.08 13.16
C ARG A 119 -2.62 -33.27 13.95
N ARG A 120 -3.25 -34.19 13.23
CA ARG A 120 -3.75 -35.46 13.80
C ARG A 120 -3.23 -36.62 12.97
N PRO A 121 -3.29 -37.85 13.52
CA PRO A 121 -2.97 -39.01 12.68
C PRO A 121 -3.90 -39.08 11.47
N ALA A 122 -3.35 -39.53 10.35
CA ALA A 122 -4.13 -39.66 9.12
C ALA A 122 -5.41 -40.44 9.38
N ILE A 123 -6.50 -39.98 8.78
CA ILE A 123 -7.83 -40.51 9.01
C ILE A 123 -7.92 -41.79 8.19
N ASP A 124 -8.51 -42.82 8.80
CA ASP A 124 -8.64 -44.14 8.19
C ASP A 124 -9.97 -44.21 7.41
N ALA A 125 -9.93 -43.71 6.19
CA ALA A 125 -11.07 -43.69 5.30
C ALA A 125 -10.53 -43.48 3.88
N HIS A 126 -11.44 -43.60 2.91
CA HIS A 126 -11.07 -43.41 1.52
C HIS A 126 -10.81 -41.94 1.25
N ARG A 127 -9.78 -41.68 0.47
CA ARG A 127 -9.62 -40.39 -0.19
C ARG A 127 -9.12 -40.69 -1.60
N PRO A 128 -9.36 -39.78 -2.56
CA PRO A 128 -8.93 -40.06 -3.92
C PRO A 128 -7.42 -40.07 -4.09
N ALA A 129 -6.98 -40.36 -5.32
CA ALA A 129 -5.58 -40.12 -5.67
C ALA A 129 -5.33 -38.62 -5.52
N GLY A 130 -4.07 -38.26 -5.35
CA GLY A 130 -3.69 -36.88 -5.17
C GLY A 130 -3.14 -36.56 -3.80
N LYS A 131 -2.02 -35.86 -3.79
CA LYS A 131 -1.36 -35.47 -2.56
C LYS A 131 -2.18 -34.43 -1.81
N ARG A 132 -2.01 -34.38 -0.49
CA ARG A 132 -2.72 -33.42 0.36
C ARG A 132 -1.76 -32.74 1.33
N LEU A 133 -2.25 -31.68 1.95
CA LEU A 133 -1.45 -30.81 2.81
C LEU A 133 -0.80 -31.57 3.96
N THR A 134 0.50 -31.38 4.12
CA THR A 134 1.21 -31.84 5.30
C THR A 134 2.11 -30.72 5.84
N LEU A 135 2.50 -30.86 7.10
CA LEU A 135 3.23 -29.82 7.82
C LEU A 135 4.15 -30.44 8.86
N GLY A 136 5.32 -29.83 9.06
CA GLY A 136 6.25 -30.24 10.11
C GLY A 136 6.97 -29.04 10.68
N ILE A 137 7.46 -29.19 11.91
CA ILE A 137 8.11 -28.08 12.62
C ILE A 137 9.49 -28.48 13.16
N ALA A 138 10.31 -27.47 13.43
CA ALA A 138 11.61 -27.67 14.05
C ALA A 138 12.10 -26.37 14.69
N PHE A 139 13.08 -26.51 15.57
CA PHE A 139 13.67 -25.37 16.28
C PHE A 139 15.18 -25.48 16.23
N THR A 140 15.86 -24.34 16.19
CA THR A 140 17.32 -24.32 16.36
C THR A 140 17.62 -23.97 17.81
N ARG A 141 18.89 -24.10 18.16
CA ARG A 141 19.41 -23.55 19.41
C ARG A 141 19.37 -22.02 19.37
N ASP A 142 19.50 -21.42 20.54
CA ASP A 142 19.67 -19.98 20.65
C ASP A 142 20.98 -19.57 19.98
N PHE A 143 20.96 -18.40 19.36
CA PHE A 143 22.15 -17.85 18.71
C PHE A 143 22.79 -16.78 19.59
N LEU A 144 24.12 -16.76 19.59
CA LEU A 144 24.88 -15.64 20.15
C LEU A 144 24.65 -14.44 19.24
N PRO A 145 24.63 -13.22 19.81
CA PRO A 145 24.46 -12.02 18.97
C PRO A 145 25.37 -11.98 17.74
N GLU A 146 26.63 -12.35 17.94
CA GLU A 146 27.63 -12.33 16.86
C GLU A 146 27.41 -13.40 15.77
N GLU A 147 26.52 -14.35 16.02
CA GLU A 147 26.17 -15.38 15.04
C GLU A 147 25.03 -14.96 14.11
N ILE A 148 24.28 -13.94 14.50
CA ILE A 148 23.16 -13.46 13.70
C ILE A 148 23.67 -12.87 12.39
N GLY A 149 23.06 -13.29 11.29
CA GLY A 149 23.45 -12.85 9.96
C GLY A 149 24.66 -13.57 9.37
N ARG A 150 25.08 -14.65 10.02
CA ARG A 150 26.34 -15.32 9.67
C ARG A 150 26.24 -16.85 9.59
N HIS A 151 27.38 -17.48 9.27
CA HIS A 151 27.49 -18.92 9.04
C HIS A 151 26.67 -19.81 9.99
N ALA A 152 26.81 -19.56 11.30
CA ALA A 152 26.15 -20.40 12.31
C ALA A 152 24.64 -20.37 12.14
N GLN A 153 24.09 -19.19 11.84
CA GLN A 153 22.66 -19.06 11.61
C GLN A 153 22.25 -19.80 10.33
N ILE A 154 23.08 -19.69 9.30
CA ILE A 154 22.83 -20.38 8.02
C ILE A 154 22.77 -21.90 8.24
N THR A 155 23.80 -22.44 8.87
CA THR A 155 23.92 -23.90 9.00
C THR A 155 22.94 -24.51 10.01
N GLU A 156 22.72 -23.85 11.14
CA GLU A 156 21.72 -24.34 12.11
C GLU A 156 20.32 -24.34 11.50
N THR A 157 20.01 -23.31 10.71
CA THR A 157 18.73 -23.24 10.01
C THR A 157 18.58 -24.41 9.03
N ALA A 158 19.61 -24.64 8.22
CA ALA A 158 19.60 -25.73 7.24
C ALA A 158 19.28 -27.07 7.90
N GLY A 159 19.92 -27.32 9.03
CA GLY A 159 19.64 -28.53 9.84
C GLY A 159 18.18 -28.63 10.25
N ALA A 160 17.65 -27.53 10.78
CA ALA A 160 16.26 -27.47 11.23
C ALA A 160 15.26 -27.69 10.08
N VAL A 161 15.57 -27.12 8.93
CA VAL A 161 14.69 -27.27 7.75
C VAL A 161 14.56 -28.73 7.35
N LYS A 162 15.69 -29.44 7.33
CA LYS A 162 15.68 -30.87 7.00
C LYS A 162 14.90 -31.67 8.06
N ARG A 163 15.07 -31.29 9.33
CA ARG A 163 14.30 -31.92 10.42
C ARG A 163 12.80 -31.68 10.29
N ALA A 164 12.42 -30.46 9.91
CA ALA A 164 11.00 -30.11 9.75
C ALA A 164 10.37 -30.89 8.58
N MET A 165 11.13 -31.02 7.49
CA MET A 165 10.69 -31.78 6.31
C MET A 165 10.43 -33.23 6.67
N ARG A 166 11.36 -33.82 7.42
CA ARG A 166 11.20 -35.19 7.93
C ARG A 166 9.98 -35.30 8.84
N ASP A 167 9.86 -34.35 9.76
CA ASP A 167 8.70 -34.28 10.66
C ASP A 167 7.37 -34.18 9.90
N ALA A 168 7.41 -33.51 8.75
CA ALA A 168 6.23 -33.34 7.89
C ALA A 168 5.91 -34.58 7.04
N GLY A 169 6.87 -35.47 6.91
CA GLY A 169 6.73 -36.62 6.00
C GLY A 169 6.75 -36.20 4.54
N ILE A 170 7.58 -35.20 4.24
CA ILE A 170 7.74 -34.70 2.87
C ILE A 170 8.84 -35.51 2.22
N ALA A 171 8.47 -36.25 1.17
CA ALA A 171 9.35 -37.25 0.56
C ALA A 171 10.49 -36.64 -0.26
N SER A 172 10.19 -35.58 -1.02
CA SER A 172 11.19 -34.90 -1.83
C SER A 172 10.99 -33.39 -1.84
N ILE A 173 12.01 -32.68 -2.34
CA ILE A 173 12.00 -31.21 -2.43
C ILE A 173 10.84 -30.74 -3.32
N ASP A 174 10.51 -31.53 -4.33
CA ASP A 174 9.38 -31.23 -5.22
C ASP A 174 8.04 -31.10 -4.50
N ASP A 175 7.91 -31.77 -3.35
CA ASP A 175 6.69 -31.74 -2.56
C ASP A 175 6.73 -30.70 -1.41
N LEU A 176 7.79 -29.92 -1.35
CA LEU A 176 7.91 -28.83 -0.39
C LEU A 176 7.44 -27.54 -1.05
N HIS A 177 6.53 -26.82 -0.40
CA HIS A 177 5.91 -25.64 -0.99
C HIS A 177 6.12 -24.32 -0.23
N PHE A 178 6.51 -24.40 1.04
CA PHE A 178 6.69 -23.20 1.85
C PHE A 178 7.51 -23.54 3.09
N VAL A 179 8.56 -22.76 3.32
CA VAL A 179 9.34 -22.88 4.56
C VAL A 179 9.33 -21.54 5.28
N GLN A 180 8.59 -21.50 6.39
CA GLN A 180 8.51 -20.32 7.23
C GLN A 180 9.56 -20.40 8.32
N VAL A 181 10.31 -19.33 8.51
CA VAL A 181 11.27 -19.24 9.62
C VAL A 181 11.06 -17.94 10.41
N LYS A 182 11.01 -18.08 11.74
CA LYS A 182 11.05 -16.93 12.64
C LYS A 182 12.48 -16.87 13.19
N CYS A 183 13.06 -15.67 13.22
CA CYS A 183 14.47 -15.49 13.57
C CYS A 183 14.68 -14.24 14.46
N PRO A 184 15.85 -14.14 15.13
CA PRO A 184 16.06 -13.03 16.06
C PRO A 184 16.56 -11.75 15.40
N LEU A 185 16.86 -10.77 16.24
CA LEU A 185 17.45 -9.53 15.79
C LEU A 185 18.42 -9.01 16.85
N LEU A 186 19.09 -7.91 16.54
CA LEU A 186 20.03 -7.31 17.46
C LEU A 186 19.43 -6.10 18.17
N THR A 187 19.76 -5.98 19.44
CA THR A 187 19.44 -4.81 20.26
C THR A 187 20.77 -4.20 20.72
N PRO A 188 20.74 -2.98 21.28
CA PRO A 188 21.99 -2.40 21.79
C PRO A 188 22.68 -3.28 22.85
N ALA A 189 21.88 -3.91 23.71
CA ALA A 189 22.41 -4.84 24.72
C ALA A 189 23.16 -6.02 24.09
N LYS A 190 22.58 -6.59 23.05
CA LYS A 190 23.19 -7.73 22.36
C LYS A 190 24.45 -7.31 21.60
N ILE A 191 24.42 -6.12 21.01
CA ILE A 191 25.59 -5.56 20.33
C ILE A 191 26.74 -5.36 21.32
N ALA A 192 26.41 -4.83 22.49
CA ALA A 192 27.39 -4.60 23.56
C ALA A 192 27.98 -5.92 24.08
N SER A 193 27.11 -6.92 24.24
N SER A 193 27.11 -6.92 24.24
CA SER A 193 27.53 -8.26 24.67
CA SER A 193 27.53 -8.27 24.67
C SER A 193 28.51 -8.89 23.68
C SER A 193 28.50 -8.89 23.68
N ALA A 194 28.19 -8.76 22.40
CA ALA A 194 29.05 -9.27 21.32
C ALA A 194 30.44 -8.64 21.39
N ARG A 195 30.46 -7.31 21.45
CA ARG A 195 31.71 -6.54 21.53
C ARG A 195 32.54 -6.89 22.77
N SER A 196 31.86 -7.23 23.85
CA SER A 196 32.52 -7.62 25.11
C SER A 196 33.34 -8.91 24.96
N ARG A 197 33.00 -9.74 23.97
CA ARG A 197 33.75 -10.96 23.68
C ARG A 197 34.72 -10.77 22.50
N GLY A 198 34.90 -9.54 22.06
CA GLY A 198 35.78 -9.25 20.93
C GLY A 198 35.25 -9.69 19.58
N CYS A 199 33.96 -10.00 19.51
N CYS A 199 33.97 -10.08 19.51
CA CYS A 199 33.31 -10.30 18.24
CA CYS A 199 33.31 -10.30 18.22
C CYS A 199 32.29 -9.21 17.92
C CYS A 199 32.30 -9.20 17.94
N ALA A 200 32.70 -8.34 17.02
CA ALA A 200 31.81 -7.41 16.31
C ALA A 200 30.57 -8.11 15.74
N PRO A 201 29.38 -7.54 15.97
CA PRO A 201 28.20 -8.10 15.32
C PRO A 201 28.15 -7.73 13.84
N VAL A 202 27.24 -8.38 13.12
CA VAL A 202 27.15 -8.19 11.67
C VAL A 202 26.81 -6.74 11.30
N THR A 203 26.11 -6.06 12.20
CA THR A 203 25.79 -4.62 12.06
C THR A 203 25.56 -4.01 13.43
N THR A 204 25.64 -2.69 13.51
CA THR A 204 25.32 -1.97 14.76
C THR A 204 23.97 -1.25 14.68
N ASP A 205 23.33 -1.32 13.52
CA ASP A 205 21.99 -0.77 13.34
C ASP A 205 20.94 -1.86 13.63
N THR A 206 20.09 -1.63 14.62
CA THR A 206 19.12 -2.66 15.05
C THR A 206 18.13 -3.00 13.93
N TYR A 207 17.67 -1.98 13.20
CA TYR A 207 16.75 -2.25 12.08
C TYR A 207 17.44 -3.07 11.00
N GLU A 208 18.68 -2.70 10.64
CA GLU A 208 19.42 -3.45 9.60
C GLU A 208 19.65 -4.90 10.02
N SER A 209 19.80 -5.13 11.31
CA SER A 209 20.04 -6.50 11.83
C SER A 209 18.91 -7.48 11.49
N MET A 210 17.70 -6.95 11.35
CA MET A 210 16.54 -7.78 11.01
C MET A 210 16.73 -8.38 9.61
N GLY A 211 17.22 -7.57 8.67
CA GLY A 211 17.50 -8.04 7.31
C GLY A 211 18.61 -9.09 7.26
N TYR A 212 19.66 -8.87 8.04
CA TYR A 212 20.75 -9.86 8.13
C TYR A 212 20.26 -11.19 8.67
N SER A 213 19.43 -11.13 9.71
CA SER A 213 18.85 -12.35 10.31
C SER A 213 17.96 -13.10 9.32
N ARG A 214 17.04 -12.37 8.69
CA ARG A 214 16.15 -12.96 7.67
C ARG A 214 16.96 -13.56 6.52
N GLY A 215 17.97 -12.82 6.07
CA GLY A 215 18.78 -13.22 4.92
C GLY A 215 19.59 -14.48 5.17
N ALA A 216 20.29 -14.52 6.30
CA ALA A 216 21.06 -15.71 6.69
C ALA A 216 20.13 -16.92 6.87
N SER A 217 18.98 -16.69 7.50
CA SER A 217 17.98 -17.75 7.68
C SER A 217 17.48 -18.28 6.34
N ALA A 218 17.19 -17.37 5.42
CA ALA A 218 16.73 -17.75 4.07
C ALA A 218 17.78 -18.54 3.31
N LEU A 219 19.04 -18.14 3.42
CA LEU A 219 20.15 -18.87 2.80
C LEU A 219 20.29 -20.26 3.43
N GLY A 220 20.02 -20.36 4.72
CA GLY A 220 19.94 -21.66 5.39
C GLY A 220 18.91 -22.57 4.75
N ILE A 221 17.75 -22.00 4.41
CA ILE A 221 16.71 -22.73 3.71
C ILE A 221 17.19 -23.15 2.32
N ALA A 222 17.84 -22.23 1.61
CA ALA A 222 18.38 -22.50 0.27
C ALA A 222 19.42 -23.63 0.29
N LEU A 223 20.21 -23.66 1.36
CA LEU A 223 21.21 -24.72 1.56
C LEU A 223 20.54 -26.08 1.72
N ALA A 224 19.60 -26.16 2.65
CA ALA A 224 18.85 -27.39 2.93
C ALA A 224 18.12 -27.95 1.71
N THR A 225 17.62 -27.05 0.86
CA THR A 225 16.83 -27.45 -0.32
C THR A 225 17.65 -27.56 -1.60
N GLU A 226 18.96 -27.35 -1.49
CA GLU A 226 19.86 -27.49 -2.62
C GLU A 226 19.61 -26.49 -3.75
N GLU A 227 19.03 -25.33 -3.43
N GLU A 227 19.02 -25.33 -3.44
CA GLU A 227 18.84 -24.29 -4.43
CA GLU A 227 18.85 -24.29 -4.45
C GLU A 227 20.12 -23.47 -4.61
C GLU A 227 20.14 -23.47 -4.62
N VAL A 228 20.94 -23.43 -3.57
CA VAL A 228 22.24 -22.75 -3.59
C VAL A 228 23.30 -23.75 -3.10
N PRO A 229 24.44 -23.85 -3.80
CA PRO A 229 25.51 -24.72 -3.31
C PRO A 229 26.20 -24.14 -2.09
N SER A 230 26.61 -25.02 -1.19
CA SER A 230 27.28 -24.64 0.07
C SER A 230 28.53 -23.77 -0.14
N SER A 231 29.23 -24.00 -1.26
CA SER A 231 30.46 -23.27 -1.58
C SER A 231 30.28 -21.75 -1.60
N MET A 232 29.11 -21.29 -2.00
CA MET A 232 28.86 -19.84 -2.17
C MET A 232 28.41 -19.11 -0.91
N LEU A 233 28.07 -19.86 0.14
CA LEU A 233 27.44 -19.28 1.34
C LEU A 233 28.42 -18.77 2.40
N VAL A 234 29.37 -17.95 1.95
CA VAL A 234 30.29 -17.26 2.86
C VAL A 234 29.58 -16.05 3.50
N ASP A 235 30.06 -15.65 4.68
CA ASP A 235 29.44 -14.55 5.43
C ASP A 235 29.26 -13.28 4.59
N GLU A 236 30.24 -12.99 3.75
CA GLU A 236 30.24 -11.78 2.91
C GLU A 236 29.12 -11.77 1.86
N SER A 237 28.59 -12.93 1.52
CA SER A 237 27.49 -13.04 0.54
C SER A 237 26.14 -12.56 1.09
N VAL A 238 26.00 -12.58 2.41
CA VAL A 238 24.73 -12.19 3.06
C VAL A 238 24.45 -10.70 2.83
N LEU A 239 23.28 -10.43 2.23
CA LEU A 239 22.80 -9.10 1.81
C LEU A 239 23.61 -8.41 0.68
N ASN A 240 24.58 -9.12 0.13
N ASN A 240 24.59 -9.12 0.13
CA ASN A 240 25.43 -8.58 -0.93
CA ASN A 240 25.44 -8.57 -0.94
C ASN A 240 25.13 -9.24 -2.27
C ASN A 240 25.13 -9.24 -2.27
N ASP A 241 25.11 -10.57 -2.27
CA ASP A 241 24.87 -11.36 -3.48
C ASP A 241 23.38 -11.66 -3.70
N TRP A 242 22.72 -10.79 -4.47
CA TRP A 242 21.29 -10.91 -4.77
C TRP A 242 20.91 -12.17 -5.55
N SER A 243 21.87 -12.73 -6.28
CA SER A 243 21.61 -13.93 -7.12
C SER A 243 21.45 -15.20 -6.29
N LEU A 244 21.82 -15.15 -5.02
CA LEU A 244 21.61 -16.28 -4.11
C LEU A 244 20.26 -16.17 -3.42
N SER A 245 19.41 -17.17 -3.58
CA SER A 245 18.09 -17.16 -2.94
C SER A 245 17.43 -18.52 -2.90
N SER A 246 16.43 -18.63 -2.02
CA SER A 246 15.49 -19.73 -2.05
C SER A 246 14.14 -19.24 -2.55
N SER A 247 13.54 -20.02 -3.45
CA SER A 247 12.21 -19.73 -3.98
C SER A 247 11.09 -20.23 -3.07
N LEU A 248 11.46 -20.84 -1.94
CA LEU A 248 10.50 -21.40 -0.97
C LEU A 248 10.51 -20.70 0.38
N ALA A 249 11.47 -19.79 0.57
CA ALA A 249 11.79 -19.24 1.89
C ALA A 249 10.96 -18.02 2.26
N SER A 250 10.48 -18.02 3.50
CA SER A 250 9.75 -16.91 4.11
C SER A 250 10.28 -16.69 5.52
N ALA A 251 11.10 -15.66 5.68
CA ALA A 251 11.77 -15.38 6.95
C ALA A 251 11.26 -14.09 7.59
N SER A 252 10.99 -14.17 8.89
CA SER A 252 10.52 -13.03 9.68
C SER A 252 11.33 -12.89 10.96
N ALA A 253 11.95 -11.73 11.14
CA ALA A 253 12.74 -11.45 12.35
C ALA A 253 11.90 -10.83 13.45
N GLY A 254 12.30 -11.04 14.69
CA GLY A 254 11.59 -10.48 15.84
C GLY A 254 12.44 -10.40 17.10
N ILE A 255 12.06 -9.48 17.98
CA ILE A 255 12.74 -9.26 19.26
C ILE A 255 12.38 -10.34 20.28
N GLU A 256 11.31 -11.09 20.00
CA GLU A 256 10.71 -12.01 20.98
C GLU A 256 11.36 -13.39 21.13
N LEU A 257 12.44 -13.65 20.39
CA LEU A 257 13.13 -14.94 20.48
C LEU A 257 14.61 -14.82 20.14
N GLU A 258 15.40 -15.77 20.63
CA GLU A 258 16.85 -15.81 20.38
C GLU A 258 17.28 -16.97 19.48
N HIS A 259 16.32 -17.80 19.09
CA HIS A 259 16.57 -18.96 18.22
C HIS A 259 15.76 -18.84 16.92
N ASN A 260 15.88 -19.82 16.03
CA ASN A 260 15.04 -19.90 14.83
C ASN A 260 13.94 -20.94 15.03
N VAL A 261 12.74 -20.59 14.56
CA VAL A 261 11.58 -21.50 14.57
C VAL A 261 11.27 -21.80 13.10
N VAL A 262 11.12 -23.08 12.76
CA VAL A 262 10.92 -23.49 11.36
C VAL A 262 9.60 -24.25 11.20
N ILE A 263 8.82 -23.84 10.20
CA ILE A 263 7.61 -24.57 9.78
C ILE A 263 7.79 -24.92 8.30
N ALA A 264 7.78 -26.21 8.00
CA ALA A 264 7.85 -26.70 6.62
C ALA A 264 6.46 -27.16 6.21
N ILE A 265 5.98 -26.62 5.09
CA ILE A 265 4.64 -26.92 4.60
C ILE A 265 4.75 -27.49 3.19
N GLY A 266 4.01 -28.56 2.95
CA GLY A 266 4.11 -29.26 1.68
C GLY A 266 2.96 -30.20 1.43
N MET A 267 3.22 -31.17 0.56
CA MET A 267 2.20 -32.11 0.12
C MET A 267 2.70 -33.54 0.28
N SER A 268 1.78 -34.44 0.59
CA SER A 268 2.13 -35.85 0.78
C SER A 268 1.01 -36.77 0.32
N GLU A 269 1.39 -37.91 -0.26
CA GLU A 269 0.45 -38.99 -0.59
C GLU A 269 -0.20 -39.58 0.65
N GLN A 270 0.51 -39.53 1.76
CA GLN A 270 0.09 -40.17 3.00
C GLN A 270 -0.82 -39.27 3.85
N ALA A 271 -0.95 -38.01 3.45
CA ALA A 271 -1.81 -37.06 4.16
C ALA A 271 -3.26 -37.17 3.70
N THR A 272 -4.18 -37.01 4.63
CA THR A 272 -5.63 -37.09 4.34
C THR A 272 -6.33 -35.73 4.44
N SER A 273 -5.55 -34.68 4.66
CA SER A 273 -6.09 -33.33 4.83
C SER A 273 -7.05 -32.96 3.70
N GLU A 274 -8.12 -32.24 4.04
N GLU A 274 -8.12 -32.24 4.04
CA GLU A 274 -9.05 -31.70 3.04
CA GLU A 274 -9.05 -31.70 3.04
C GLU A 274 -8.53 -30.39 2.47
C GLU A 274 -8.53 -30.39 2.47
N LEU A 275 -7.21 -30.32 2.31
CA LEU A 275 -6.54 -29.09 1.88
C LEU A 275 -5.36 -29.41 0.99
N VAL A 276 -5.04 -28.46 0.12
CA VAL A 276 -3.85 -28.54 -0.71
C VAL A 276 -3.09 -27.21 -0.62
N ILE A 277 -1.85 -27.22 -1.06
CA ILE A 277 -1.02 -26.02 -1.10
C ILE A 277 -0.31 -25.95 -2.45
N ALA A 278 -0.17 -24.72 -2.95
CA ALA A 278 0.65 -24.45 -4.13
C ALA A 278 1.49 -23.21 -3.82
N HIS A 279 2.63 -23.09 -4.47
CA HIS A 279 3.48 -21.92 -4.26
C HIS A 279 3.93 -21.31 -5.57
N GLY A 280 4.36 -20.07 -5.47
CA GLY A 280 4.88 -19.34 -6.60
C GLY A 280 5.80 -18.26 -6.11
N VAL A 281 6.21 -17.41 -7.03
N VAL A 281 6.21 -17.41 -7.03
CA VAL A 281 7.08 -16.28 -6.72
CA VAL A 281 7.07 -16.28 -6.71
C VAL A 281 6.54 -15.02 -7.36
C VAL A 281 6.54 -15.02 -7.36
N MET A 282 6.49 -13.93 -6.59
CA MET A 282 6.16 -12.62 -7.12
C MET A 282 7.48 -12.04 -7.63
N SER A 283 7.50 -11.61 -8.89
CA SER A 283 8.73 -11.04 -9.47
C SER A 283 9.03 -9.67 -8.88
N ASP A 284 8.00 -8.97 -8.44
CA ASP A 284 8.14 -7.73 -7.68
C ASP A 284 6.90 -7.48 -6.81
N ALA A 285 6.89 -6.37 -6.09
CA ALA A 285 5.88 -6.12 -5.06
C ALA A 285 4.45 -5.94 -5.61
N ILE A 286 4.33 -5.67 -6.90
CA ILE A 286 3.01 -5.45 -7.53
C ILE A 286 2.63 -6.55 -8.52
N ASP A 287 3.32 -7.69 -8.43
CA ASP A 287 3.08 -8.82 -9.34
C ASP A 287 1.89 -9.66 -8.91
N ALA A 288 0.72 -9.05 -9.00
CA ALA A 288 -0.54 -9.72 -8.69
C ALA A 288 -0.81 -10.84 -9.69
N ALA A 289 -0.32 -10.66 -10.91
CA ALA A 289 -0.47 -11.65 -11.99
C ALA A 289 0.02 -13.04 -11.57
N SER A 290 1.18 -13.10 -10.93
N SER A 290 1.18 -13.10 -10.93
CA SER A 290 1.76 -14.37 -10.47
CA SER A 290 1.75 -14.38 -10.48
C SER A 290 0.88 -15.04 -9.41
C SER A 290 0.88 -15.04 -9.41
N VAL A 291 0.34 -14.21 -8.51
CA VAL A 291 -0.55 -14.70 -7.46
C VAL A 291 -1.82 -15.28 -8.08
N ARG A 292 -2.37 -14.58 -9.05
CA ARG A 292 -3.56 -15.04 -9.76
C ARG A 292 -3.31 -16.39 -10.46
N ARG A 293 -2.13 -16.52 -11.07
CA ARG A 293 -1.74 -17.73 -11.81
C ARG A 293 -1.70 -18.95 -10.88
N THR A 294 -1.12 -18.77 -9.71
CA THR A 294 -1.04 -19.85 -8.71
C THR A 294 -2.43 -20.22 -8.18
N ILE A 295 -3.25 -19.22 -7.90
CA ILE A 295 -4.62 -19.45 -7.45
C ILE A 295 -5.41 -20.22 -8.53
N GLU A 296 -5.24 -19.79 -9.77
CA GLU A 296 -5.85 -20.45 -10.93
C GLU A 296 -5.45 -21.92 -11.04
N SER A 297 -4.18 -22.20 -10.76
CA SER A 297 -3.64 -23.57 -10.81
C SER A 297 -4.31 -24.50 -9.78
N LEU A 298 -4.87 -23.92 -8.72
CA LEU A 298 -5.65 -24.66 -7.73
C LEU A 298 -7.13 -24.79 -8.11
N GLY A 299 -7.48 -24.43 -9.34
CA GLY A 299 -8.86 -24.55 -9.83
C GLY A 299 -9.78 -23.42 -9.40
N ILE A 300 -9.20 -22.34 -8.89
CA ILE A 300 -9.97 -21.16 -8.46
C ILE A 300 -9.87 -20.10 -9.54
N ARG A 301 -10.96 -19.83 -10.22
CA ARG A 301 -10.88 -18.92 -11.38
C ARG A 301 -11.70 -17.66 -11.15
N SER A 302 -12.97 -17.85 -10.82
N SER A 302 -12.96 -17.87 -10.80
CA SER A 302 -13.88 -16.73 -10.63
CA SER A 302 -13.89 -16.77 -10.62
C SER A 302 -13.78 -16.17 -9.21
C SER A 302 -13.80 -16.19 -9.20
N ASP A 303 -14.34 -14.98 -9.04
CA ASP A 303 -14.31 -14.28 -7.75
C ASP A 303 -15.11 -15.02 -6.68
N ASP A 304 -16.16 -15.72 -7.09
CA ASP A 304 -16.99 -16.49 -6.15
C ASP A 304 -16.33 -17.81 -5.68
N GLU A 305 -15.25 -18.21 -6.34
CA GLU A 305 -14.45 -19.39 -5.92
C GLU A 305 -13.30 -19.03 -4.96
N MET A 306 -13.09 -17.74 -4.75
CA MET A 306 -12.00 -17.28 -3.86
C MET A 306 -12.17 -17.76 -2.42
N ASP A 307 -13.41 -18.00 -2.02
CA ASP A 307 -13.68 -18.50 -0.65
C ASP A 307 -13.14 -19.90 -0.37
N ARG A 308 -12.64 -20.58 -1.41
CA ARG A 308 -11.92 -21.85 -1.25
C ARG A 308 -10.51 -21.68 -0.67
N ILE A 309 -9.98 -20.45 -0.72
CA ILE A 309 -8.66 -20.16 -0.17
C ILE A 309 -8.76 -19.99 1.34
N VAL A 310 -7.98 -20.78 2.08
CA VAL A 310 -7.93 -20.66 3.53
C VAL A 310 -7.06 -19.47 3.91
N ASN A 311 -5.88 -19.38 3.31
CA ASN A 311 -5.05 -18.19 3.43
C ASN A 311 -4.00 -18.11 2.34
N VAL A 312 -3.41 -16.93 2.21
CA VAL A 312 -2.26 -16.68 1.34
C VAL A 312 -1.13 -16.22 2.26
N PHE A 313 0.07 -16.71 1.97
CA PHE A 313 1.27 -16.36 2.73
C PHE A 313 2.33 -15.86 1.77
N ALA A 314 2.73 -14.60 1.92
CA ALA A 314 3.58 -13.97 0.91
C ALA A 314 4.68 -13.13 1.52
N LYS A 315 5.81 -13.10 0.83
CA LYS A 315 6.93 -12.24 1.17
C LYS A 315 6.95 -11.03 0.24
N ALA A 316 7.27 -9.88 0.81
CA ALA A 316 7.34 -8.62 0.05
C ALA A 316 8.56 -7.84 0.47
N GLU A 317 9.10 -7.04 -0.43
CA GLU A 317 10.19 -6.15 -0.05
C GLU A 317 10.32 -4.94 -0.97
N ALA A 318 11.00 -3.93 -0.46
CA ALA A 318 11.38 -2.76 -1.24
C ALA A 318 12.53 -3.15 -2.16
N SER A 319 12.34 -2.95 -3.46
CA SER A 319 13.35 -3.32 -4.46
C SER A 319 14.68 -2.64 -4.13
N PRO A 320 15.75 -3.42 -3.89
CA PRO A 320 17.00 -2.83 -3.38
C PRO A 320 17.75 -1.96 -4.39
N ASP A 321 17.41 -2.07 -5.67
CA ASP A 321 17.94 -1.17 -6.70
C ASP A 321 17.26 0.21 -6.72
N GLY A 322 16.27 0.39 -5.86
CA GLY A 322 15.57 1.67 -5.72
C GLY A 322 14.53 1.98 -6.77
N VAL A 323 14.18 0.98 -7.59
CA VAL A 323 13.18 1.16 -8.64
C VAL A 323 12.20 -0.02 -8.70
N VAL A 324 10.98 0.28 -9.15
CA VAL A 324 10.00 -0.75 -9.46
C VAL A 324 9.53 -0.56 -10.89
N ARG A 325 9.74 -1.60 -11.70
CA ARG A 325 9.48 -1.56 -13.15
C ARG A 325 9.94 -0.24 -13.78
N GLY A 326 11.19 0.10 -13.49
CA GLY A 326 11.85 1.26 -14.11
C GLY A 326 11.62 2.61 -13.46
N MET A 327 10.68 2.68 -12.51
CA MET A 327 10.32 3.95 -11.86
C MET A 327 10.86 3.99 -10.43
N ARG A 328 11.49 5.10 -10.07
CA ARG A 328 12.04 5.28 -8.73
C ARG A 328 10.97 5.07 -7.66
N HIS A 329 11.34 4.40 -6.57
CA HIS A 329 10.50 4.35 -5.37
C HIS A 329 11.25 4.98 -4.19
N THR A 330 10.50 5.33 -3.14
CA THR A 330 11.03 6.07 -1.99
C THR A 330 11.13 5.21 -0.72
N MET A 331 10.85 3.92 -0.84
CA MET A 331 10.73 3.03 0.32
C MET A 331 12.01 2.83 1.11
N LEU A 332 13.16 2.96 0.44
CA LEU A 332 14.47 2.81 1.09
C LEU A 332 15.13 4.14 1.48
N SER A 333 14.50 5.25 1.12
N SER A 333 14.49 5.25 1.13
CA SER A 333 14.99 6.59 1.49
CA SER A 333 14.98 6.59 1.48
C SER A 333 14.07 7.30 2.46
C SER A 333 14.07 7.30 2.48
N ASP A 334 13.07 6.59 2.97
CA ASP A 334 12.05 7.18 3.86
C ASP A 334 12.43 6.93 5.31
N SER A 335 12.83 7.98 6.01
CA SER A 335 13.26 7.83 7.41
C SER A 335 12.12 7.85 8.42
N ASP A 336 10.90 8.14 7.96
CA ASP A 336 9.72 8.12 8.81
C ASP A 336 9.09 6.73 8.82
N ILE A 337 9.01 6.12 7.64
CA ILE A 337 8.36 4.82 7.47
C ILE A 337 9.38 3.85 6.87
N ASN A 338 9.76 2.84 7.64
CA ASN A 338 10.74 1.84 7.18
C ASN A 338 10.27 1.02 5.98
N SER A 339 11.23 0.52 5.23
CA SER A 339 10.96 -0.10 3.91
C SER A 339 10.01 -1.30 4.01
N THR A 340 10.14 -2.08 5.07
CA THR A 340 9.28 -3.26 5.22
C THR A 340 7.82 -2.88 5.47
N ARG A 341 7.59 -1.73 6.08
CA ARG A 341 6.22 -1.23 6.30
C ARG A 341 5.58 -0.87 4.96
N HIS A 342 6.32 -0.13 4.13
CA HIS A 342 5.89 0.20 2.76
C HIS A 342 5.61 -1.07 1.96
N ALA A 343 6.54 -2.01 2.02
CA ALA A 343 6.44 -3.23 1.19
C ALA A 343 5.22 -4.07 1.57
N ARG A 344 4.96 -4.21 2.86
CA ARG A 344 3.76 -4.92 3.33
C ARG A 344 2.49 -4.22 2.86
N ALA A 345 2.47 -2.89 2.94
CA ALA A 345 1.30 -2.13 2.49
C ALA A 345 0.99 -2.42 1.01
N VAL A 346 2.04 -2.39 0.20
CA VAL A 346 1.94 -2.57 -1.26
C VAL A 346 1.46 -3.97 -1.63
N THR A 347 2.17 -4.98 -1.16
CA THR A 347 1.86 -6.36 -1.53
C THR A 347 0.55 -6.83 -0.89
N GLY A 348 0.27 -6.38 0.32
CA GLY A 348 -1.03 -6.59 0.94
C GLY A 348 -2.17 -6.09 0.06
N ALA A 349 -2.00 -4.89 -0.49
CA ALA A 349 -2.99 -4.30 -1.39
C ALA A 349 -3.11 -5.07 -2.71
N ALA A 350 -1.96 -5.43 -3.29
CA ALA A 350 -1.92 -6.17 -4.55
C ALA A 350 -2.66 -7.50 -4.41
N ILE A 351 -2.35 -8.23 -3.35
CA ILE A 351 -2.99 -9.51 -3.06
C ILE A 351 -4.46 -9.35 -2.72
N ALA A 352 -4.78 -8.36 -1.90
CA ALA A 352 -6.18 -8.08 -1.55
C ALA A 352 -7.03 -7.80 -2.80
N SER A 353 -6.44 -7.10 -3.78
CA SER A 353 -7.14 -6.76 -5.02
C SER A 353 -7.51 -8.02 -5.83
N VAL A 354 -6.80 -9.10 -5.57
CA VAL A 354 -7.08 -10.40 -6.19
C VAL A 354 -8.07 -11.23 -5.36
N VAL A 355 -7.75 -11.45 -4.08
CA VAL A 355 -8.54 -12.37 -3.24
C VAL A 355 -9.77 -11.73 -2.59
N GLY A 356 -9.80 -10.41 -2.54
CA GLY A 356 -11.00 -9.67 -2.11
C GLY A 356 -10.99 -9.07 -0.72
N HIS A 357 -9.90 -9.25 0.01
CA HIS A 357 -9.74 -8.63 1.33
C HIS A 357 -8.29 -8.73 1.79
N GLY A 358 -7.98 -8.06 2.90
CA GLY A 358 -6.62 -7.99 3.40
C GLY A 358 -6.25 -8.90 4.55
N MET A 359 -7.13 -9.83 4.91
CA MET A 359 -6.81 -10.83 5.94
C MET A 359 -5.96 -11.95 5.36
N VAL A 360 -4.73 -11.59 5.01
CA VAL A 360 -3.74 -12.48 4.44
C VAL A 360 -2.42 -12.27 5.15
N TYR A 361 -1.58 -13.30 5.14
CA TYR A 361 -0.25 -13.21 5.74
C TYR A 361 0.72 -12.61 4.73
N VAL A 362 1.12 -11.37 4.99
CA VAL A 362 2.14 -10.71 4.18
C VAL A 362 3.25 -10.24 5.12
N SER A 363 4.47 -10.66 4.80
CA SER A 363 5.64 -10.44 5.64
C SER A 363 6.70 -9.72 4.83
N GLY A 364 7.29 -8.69 5.42
CA GLY A 364 8.25 -7.83 4.72
C GLY A 364 9.69 -8.23 4.90
N GLY A 365 10.52 -7.83 3.95
CA GLY A 365 11.96 -8.13 4.00
C GLY A 365 12.20 -9.50 3.41
N ALA A 366 12.55 -9.53 2.13
CA ALA A 366 12.64 -10.78 1.37
C ALA A 366 14.06 -11.02 0.87
N GLU A 367 15.02 -10.72 1.74
CA GLU A 367 16.44 -10.88 1.44
C GLU A 367 16.74 -12.36 1.18
N HIS A 368 17.28 -12.65 0.00
CA HIS A 368 17.53 -14.04 -0.46
C HIS A 368 16.30 -14.93 -0.47
N GLN A 369 15.15 -14.30 -0.62
CA GLN A 369 13.87 -15.00 -0.70
C GLN A 369 13.24 -14.59 -2.01
N GLY A 370 13.19 -15.53 -2.94
CA GLY A 370 12.79 -15.24 -4.30
C GLY A 370 13.75 -14.27 -4.96
N PRO A 371 13.30 -13.58 -6.02
CA PRO A 371 14.11 -12.57 -6.68
C PRO A 371 14.31 -11.36 -5.80
N ALA A 372 15.38 -10.62 -6.07
CA ALA A 372 15.61 -9.34 -5.42
C ALA A 372 14.48 -8.41 -5.82
N GLY A 373 13.80 -7.86 -4.82
CA GLY A 373 12.61 -7.02 -5.04
C GLY A 373 11.31 -7.80 -5.08
N GLY A 374 11.41 -9.13 -5.12
CA GLY A 374 10.25 -9.99 -5.10
C GLY A 374 10.31 -10.93 -3.91
N GLY A 375 9.41 -11.92 -3.91
CA GLY A 375 9.34 -12.85 -2.81
C GLY A 375 8.47 -14.07 -3.10
N PRO A 376 8.72 -15.17 -2.38
CA PRO A 376 7.88 -16.35 -2.52
C PRO A 376 6.52 -16.16 -1.87
N PHE A 377 5.56 -16.93 -2.34
CA PHE A 377 4.25 -16.98 -1.71
C PHE A 377 3.65 -18.36 -1.87
N ALA A 378 2.74 -18.69 -0.97
CA ALA A 378 2.00 -19.93 -1.05
C ALA A 378 0.53 -19.70 -0.77
N VAL A 379 -0.30 -20.59 -1.30
CA VAL A 379 -1.74 -20.52 -1.15
C VAL A 379 -2.24 -21.87 -0.64
N ILE A 380 -2.95 -21.84 0.49
CA ILE A 380 -3.61 -23.04 1.02
C ILE A 380 -5.09 -22.95 0.69
N ALA A 381 -5.60 -23.97 0.02
CA ALA A 381 -6.99 -23.98 -0.44
C ALA A 381 -7.68 -25.30 -0.14
N ARG A 382 -9.00 -25.26 -0.08
CA ARG A 382 -9.83 -26.46 0.06
C ARG A 382 -9.52 -27.41 -1.10
N ALA A 383 -9.38 -28.69 -0.80
CA ALA A 383 -9.17 -29.70 -1.85
C ALA A 383 -10.46 -29.87 -2.67
N HIS B 20 -13.36 30.03 -26.45
CA HIS B 20 -12.95 28.86 -25.60
C HIS B 20 -12.81 27.59 -26.44
N MET B 21 -11.92 27.65 -27.42
CA MET B 21 -11.55 26.49 -28.22
C MET B 21 -10.03 26.32 -28.16
N TYR B 22 -9.63 25.18 -27.63
CA TYR B 22 -8.24 24.96 -27.23
C TYR B 22 -7.60 23.72 -27.81
N HIS B 23 -6.28 23.72 -27.79
CA HIS B 23 -5.50 22.51 -27.93
C HIS B 23 -4.75 22.29 -26.62
N ILE B 24 -5.02 21.16 -25.96
CA ILE B 24 -4.39 20.84 -24.67
C ILE B 24 -3.31 19.78 -24.86
N ASP B 25 -2.14 20.06 -24.33
CA ASP B 25 -1.05 19.08 -24.23
C ASP B 25 -0.85 18.70 -22.77
N VAL B 26 -0.56 17.42 -22.53
CA VAL B 26 -0.34 16.90 -21.18
C VAL B 26 0.92 16.05 -21.16
N PHE B 27 1.82 16.35 -20.23
CA PHE B 27 3.10 15.65 -20.13
C PHE B 27 3.31 15.12 -18.70
N ARG B 28 3.61 13.83 -18.60
CA ARG B 28 4.01 13.26 -17.32
C ARG B 28 5.52 13.20 -17.27
N ILE B 29 6.11 13.87 -16.29
N ILE B 29 6.08 13.83 -16.24
CA ILE B 29 7.57 13.93 -16.19
CA ILE B 29 7.53 14.04 -16.10
C ILE B 29 8.08 13.49 -14.82
C ILE B 29 8.05 13.48 -14.77
N PRO B 30 9.04 12.56 -14.80
CA PRO B 30 9.63 12.10 -13.53
C PRO B 30 10.38 13.20 -12.80
N CYS B 31 10.37 13.11 -11.47
CA CYS B 31 11.17 13.98 -10.60
C CYS B 31 12.11 13.12 -9.79
N HIS B 32 13.38 13.51 -9.74
N HIS B 32 13.38 13.54 -9.74
CA HIS B 32 14.36 12.78 -8.92
CA HIS B 32 14.40 12.85 -8.93
C HIS B 32 14.35 13.29 -7.47
C HIS B 32 14.31 13.27 -7.47
N SER B 33 13.67 14.41 -7.24
CA SER B 33 13.53 15.02 -5.90
C SER B 33 12.50 16.17 -6.02
N PRO B 34 12.01 16.72 -4.89
CA PRO B 34 10.94 17.74 -4.97
C PRO B 34 11.30 19.00 -5.77
N GLY B 35 12.55 19.42 -5.69
CA GLY B 35 13.01 20.63 -6.40
C GLY B 35 13.47 20.44 -7.84
N ASP B 36 13.35 19.22 -8.34
CA ASP B 36 13.84 18.86 -9.67
C ASP B 36 12.95 19.44 -10.79
N THR B 37 13.52 20.35 -11.58
CA THR B 37 12.83 20.91 -12.75
C THR B 37 13.50 20.52 -14.07
N SER B 38 14.42 19.57 -14.01
CA SER B 38 15.19 19.14 -15.19
C SER B 38 14.29 18.58 -16.29
N GLY B 39 13.26 17.84 -15.88
CA GLY B 39 12.30 17.29 -16.84
C GLY B 39 11.50 18.37 -17.54
N LEU B 40 11.07 19.39 -16.79
CA LEU B 40 10.34 20.52 -17.38
C LEU B 40 11.23 21.30 -18.35
N GLU B 41 12.45 21.57 -17.93
CA GLU B 41 13.43 22.26 -18.78
C GLU B 41 13.62 21.54 -20.11
N ASP B 42 13.73 20.21 -20.04
CA ASP B 42 13.86 19.36 -21.23
C ASP B 42 12.69 19.52 -22.20
N LEU B 43 11.47 19.57 -21.67
CA LEU B 43 10.27 19.79 -22.51
C LEU B 43 10.33 21.15 -23.21
N ILE B 44 10.79 22.16 -22.47
CA ILE B 44 10.93 23.51 -23.01
C ILE B 44 12.07 23.58 -24.05
N GLU B 45 13.21 23.01 -23.70
N GLU B 45 13.21 23.03 -23.69
CA GLU B 45 14.41 23.06 -24.55
CA GLU B 45 14.40 23.05 -24.55
C GLU B 45 14.22 22.31 -25.87
C GLU B 45 14.18 22.33 -25.88
N THR B 46 13.47 21.21 -25.84
CA THR B 46 13.16 20.41 -27.05
C THR B 46 11.91 20.91 -27.80
N GLY B 47 11.35 22.04 -27.38
CA GLY B 47 10.24 22.68 -28.08
C GLY B 47 8.90 21.96 -27.99
N ARG B 48 8.78 21.02 -27.06
CA ARG B 48 7.53 20.26 -26.89
C ARG B 48 6.47 21.09 -26.16
N VAL B 49 6.92 22.07 -25.38
CA VAL B 49 6.01 23.00 -24.72
C VAL B 49 6.62 24.40 -24.67
N ALA B 50 5.76 25.40 -24.81
CA ALA B 50 6.14 26.80 -24.61
C ALA B 50 5.77 27.21 -23.19
N PRO B 51 6.73 27.79 -22.44
CA PRO B 51 6.47 28.22 -21.06
C PRO B 51 5.19 29.04 -20.87
N ALA B 52 4.91 29.94 -21.80
CA ALA B 52 3.74 30.82 -21.71
C ALA B 52 2.40 30.08 -21.86
N ASP B 53 2.44 28.87 -22.41
CA ASP B 53 1.22 28.06 -22.64
C ASP B 53 0.84 27.20 -21.43
N ILE B 54 1.75 27.04 -20.48
CA ILE B 54 1.50 26.17 -19.32
C ILE B 54 0.43 26.81 -18.45
N VAL B 55 -0.63 26.06 -18.17
N VAL B 55 -0.65 26.07 -18.18
CA VAL B 55 -1.75 26.56 -17.38
CA VAL B 55 -1.76 26.56 -17.36
C VAL B 55 -1.92 25.86 -16.02
C VAL B 55 -1.94 25.85 -16.03
N ALA B 56 -1.37 24.65 -15.89
CA ALA B 56 -1.47 23.88 -14.64
C ALA B 56 -0.38 22.85 -14.50
N VAL B 57 0.01 22.60 -13.25
CA VAL B 57 0.89 21.48 -12.93
C VAL B 57 0.33 20.75 -11.70
N MET B 58 0.09 19.46 -11.87
CA MET B 58 -0.29 18.56 -10.79
C MET B 58 0.88 17.63 -10.46
N GLY B 59 1.39 17.75 -9.24
CA GLY B 59 2.56 16.99 -8.82
C GLY B 59 2.33 16.04 -7.67
N LYS B 60 3.13 14.98 -7.65
CA LYS B 60 3.27 14.12 -6.48
C LYS B 60 4.68 14.31 -5.94
N THR B 61 4.77 14.80 -4.71
CA THR B 61 6.04 15.09 -4.07
C THR B 61 6.26 14.17 -2.86
N GLU B 62 7.52 13.90 -2.55
CA GLU B 62 7.87 12.80 -1.65
C GLU B 62 7.96 13.15 -0.16
N GLY B 63 7.35 14.27 0.25
CA GLY B 63 7.15 14.55 1.67
C GLY B 63 6.05 13.65 2.23
N ASN B 64 5.66 13.88 3.48
CA ASN B 64 4.67 12.99 4.14
C ASN B 64 3.20 13.20 3.71
N GLY B 65 2.96 14.23 2.91
CA GLY B 65 1.62 14.55 2.43
C GLY B 65 0.66 15.08 3.50
N CYS B 66 1.18 15.36 4.68
CA CYS B 66 0.34 15.76 5.81
C CYS B 66 0.59 17.24 6.16
N VAL B 67 0.68 17.58 7.43
CA VAL B 67 0.75 19.00 7.83
C VAL B 67 2.13 19.59 7.54
N ASN B 68 3.15 19.00 8.14
CA ASN B 68 4.53 19.46 7.96
C ASN B 68 5.21 18.83 6.74
N ASP B 69 4.58 18.96 5.59
CA ASP B 69 5.18 18.59 4.33
C ASP B 69 5.46 19.88 3.57
N TYR B 70 6.74 20.25 3.51
CA TYR B 70 7.19 21.42 2.76
C TYR B 70 7.75 21.07 1.38
N THR B 71 7.70 19.79 1.01
CA THR B 71 8.12 19.37 -0.35
C THR B 71 7.15 19.93 -1.40
N ARG B 72 5.90 20.14 -0.98
CA ARG B 72 4.86 20.69 -1.87
C ARG B 72 5.20 22.13 -2.24
N GLU B 73 5.46 22.94 -1.22
CA GLU B 73 5.85 24.35 -1.41
C GLU B 73 7.16 24.47 -2.19
N TYR B 74 8.11 23.60 -1.86
CA TYR B 74 9.42 23.62 -2.50
C TYR B 74 9.32 23.31 -4.00
N ALA B 75 8.55 22.28 -4.33
CA ALA B 75 8.30 21.94 -5.74
C ALA B 75 7.67 23.11 -6.50
N THR B 76 6.66 23.72 -5.89
CA THR B 76 6.00 24.90 -6.48
C THR B 76 6.98 26.04 -6.68
N ALA B 77 7.79 26.31 -5.66
CA ALA B 77 8.80 27.39 -5.71
C ALA B 77 9.77 27.19 -6.87
N MET B 78 10.24 25.96 -7.04
CA MET B 78 11.22 25.68 -8.10
C MET B 78 10.60 25.68 -9.49
N LEU B 79 9.39 25.18 -9.62
CA LEU B 79 8.65 25.25 -10.90
C LEU B 79 8.37 26.70 -11.29
N ALA B 80 7.86 27.47 -10.33
CA ALA B 80 7.56 28.89 -10.53
C ALA B 80 8.81 29.70 -10.86
N ALA B 81 9.93 29.40 -10.21
CA ALA B 81 11.21 30.05 -10.51
C ALA B 81 11.68 29.70 -11.92
N CYS B 82 11.57 28.43 -12.28
CA CYS B 82 11.92 27.94 -13.61
C CYS B 82 11.14 28.68 -14.70
N LEU B 83 9.81 28.68 -14.59
CA LEU B 83 8.96 29.38 -15.56
C LEU B 83 9.11 30.90 -15.50
N GLY B 84 9.37 31.41 -14.31
CA GLY B 84 9.59 32.84 -14.09
C GLY B 84 10.77 33.38 -14.87
N ARG B 85 11.83 32.58 -14.95
CA ARG B 85 13.01 32.91 -15.75
C ARG B 85 12.66 33.03 -17.23
N HIS B 86 11.94 32.03 -17.76
CA HIS B 86 11.55 32.01 -19.18
C HIS B 86 10.56 33.13 -19.54
N LEU B 87 9.68 33.47 -18.61
CA LEU B 87 8.64 34.46 -18.83
C LEU B 87 9.02 35.85 -18.31
N GLN B 88 10.20 35.96 -17.70
CA GLN B 88 10.63 37.19 -17.03
C GLN B 88 9.55 37.70 -16.08
N LEU B 89 9.11 36.81 -15.19
CA LEU B 89 8.15 37.14 -14.14
C LEU B 89 8.70 36.69 -12.79
N PRO B 90 8.32 37.40 -11.71
CA PRO B 90 8.65 36.89 -10.38
C PRO B 90 7.84 35.62 -10.11
N PRO B 91 8.43 34.63 -9.39
CA PRO B 91 7.74 33.38 -9.10
C PRO B 91 6.31 33.54 -8.57
N HIS B 92 6.11 34.48 -7.65
N HIS B 92 6.12 34.49 -7.65
CA HIS B 92 4.80 34.71 -7.04
CA HIS B 92 4.81 34.75 -7.04
C HIS B 92 3.74 35.17 -8.07
C HIS B 92 3.75 35.16 -8.06
N GLU B 93 4.20 35.78 -9.16
CA GLU B 93 3.31 36.16 -10.26
C GLU B 93 2.95 34.94 -11.10
N VAL B 94 3.92 34.05 -11.28
CA VAL B 94 3.72 32.81 -12.03
C VAL B 94 2.64 31.95 -11.37
N GLU B 95 2.61 31.97 -10.03
CA GLU B 95 1.62 31.21 -9.25
C GLU B 95 0.18 31.74 -9.39
N LYS B 96 0.03 32.99 -9.80
CA LYS B 96 -1.29 33.58 -10.11
C LYS B 96 -1.72 33.24 -11.54
N ARG B 97 -0.74 32.92 -12.36
CA ARG B 97 -0.95 32.58 -13.78
C ARG B 97 -1.15 31.09 -14.01
N VAL B 98 -0.44 30.27 -13.24
CA VAL B 98 -0.47 28.82 -13.39
C VAL B 98 -1.04 28.18 -12.14
N ALA B 99 -1.93 27.21 -12.32
CA ALA B 99 -2.50 26.49 -11.19
C ALA B 99 -1.55 25.37 -10.75
N PHE B 100 -0.88 25.59 -9.62
CA PHE B 100 0.02 24.59 -9.05
C PHE B 100 -0.71 23.80 -7.99
N VAL B 101 -0.77 22.48 -8.17
CA VAL B 101 -1.38 21.59 -7.20
C VAL B 101 -0.37 20.50 -6.88
N MET B 102 0.29 20.65 -5.73
CA MET B 102 1.28 19.67 -5.29
C MET B 102 0.68 18.80 -4.19
N SER B 103 0.56 17.53 -4.49
CA SER B 103 0.03 16.54 -3.56
C SER B 103 1.19 15.74 -2.99
N GLY B 104 1.43 15.90 -1.69
CA GLY B 104 2.53 15.21 -1.04
C GLY B 104 2.18 13.77 -0.73
N GLY B 105 3.20 12.98 -0.44
CA GLY B 105 3.00 11.59 -0.05
C GLY B 105 3.10 10.67 -1.23
N THR B 106 4.22 9.96 -1.32
CA THR B 106 4.48 8.99 -2.37
C THR B 106 4.92 7.69 -1.73
N GLU B 107 3.99 7.07 -0.99
CA GLU B 107 4.25 5.85 -0.25
C GLU B 107 4.16 4.62 -1.16
N GLY B 108 4.76 3.53 -0.70
CA GLY B 108 4.76 2.28 -1.44
C GLY B 108 5.50 2.44 -2.74
N VAL B 109 4.84 2.12 -3.85
CA VAL B 109 5.48 2.23 -5.19
C VAL B 109 5.23 3.57 -5.88
N LEU B 110 4.55 4.49 -5.22
CA LEU B 110 4.28 5.79 -5.83
C LEU B 110 5.58 6.49 -6.19
N SER B 111 5.66 6.94 -7.44
CA SER B 111 6.89 7.53 -7.98
C SER B 111 6.69 9.03 -8.19
N PRO B 112 7.52 9.86 -7.52
CA PRO B 112 7.36 11.30 -7.64
C PRO B 112 7.49 11.82 -9.08
N HIS B 113 6.61 12.75 -9.42
CA HIS B 113 6.49 13.24 -10.79
C HIS B 113 5.61 14.47 -10.84
N HIS B 114 5.65 15.15 -11.98
CA HIS B 114 4.72 16.23 -12.31
C HIS B 114 3.93 15.85 -13.55
N THR B 115 2.69 16.31 -13.59
CA THR B 115 1.90 16.29 -14.81
C THR B 115 1.73 17.75 -15.20
N VAL B 116 2.29 18.12 -16.35
CA VAL B 116 2.25 19.49 -16.86
C VAL B 116 1.15 19.61 -17.90
N PHE B 117 0.29 20.63 -17.73
CA PHE B 117 -0.81 20.89 -18.65
C PHE B 117 -0.56 22.20 -19.38
N ALA B 118 -0.60 22.14 -20.70
CA ALA B 118 -0.40 23.33 -21.54
C ALA B 118 -1.62 23.56 -22.41
N ARG B 119 -1.95 24.83 -22.62
CA ARG B 119 -3.13 25.21 -23.39
C ARG B 119 -2.77 26.19 -24.50
N ARG B 120 -3.18 25.87 -25.73
CA ARG B 120 -3.01 26.76 -26.89
C ARG B 120 -4.35 26.94 -27.59
N PRO B 121 -4.47 27.96 -28.46
CA PRO B 121 -5.67 28.05 -29.28
C PRO B 121 -5.88 26.80 -30.13
N ALA B 122 -7.13 26.42 -30.32
CA ALA B 122 -7.46 25.24 -31.13
C ALA B 122 -6.82 25.34 -32.52
N ILE B 123 -6.43 24.20 -33.07
CA ILE B 123 -5.89 24.15 -34.44
C ILE B 123 -6.97 24.50 -35.48
N ASP B 124 -6.60 25.35 -36.44
CA ASP B 124 -7.59 25.85 -37.43
C ASP B 124 -8.15 24.71 -38.28
N ALA B 125 -7.27 23.78 -38.64
CA ALA B 125 -7.65 22.55 -39.36
C ALA B 125 -8.78 21.78 -38.66
N HIS B 126 -10.01 22.21 -38.88
CA HIS B 126 -11.18 21.56 -38.26
C HIS B 126 -11.54 20.26 -38.99
N ARG B 127 -11.87 19.19 -38.29
CA ARG B 127 -11.92 19.10 -36.82
C ARG B 127 -11.94 17.61 -36.42
N PRO B 128 -11.56 17.28 -35.17
CA PRO B 128 -11.49 15.85 -34.81
C PRO B 128 -12.85 15.16 -34.80
N ALA B 129 -12.81 13.83 -34.70
CA ALA B 129 -13.99 12.97 -34.93
C ALA B 129 -14.96 12.90 -33.74
N GLY B 130 -14.60 13.50 -32.61
CA GLY B 130 -15.45 13.48 -31.41
C GLY B 130 -14.90 14.50 -30.43
N LYS B 131 -15.42 14.53 -29.20
CA LYS B 131 -14.94 15.49 -28.21
C LYS B 131 -13.50 15.16 -27.81
N ARG B 132 -12.76 16.19 -27.42
CA ARG B 132 -11.37 16.02 -26.99
C ARG B 132 -11.10 16.79 -25.70
N LEU B 133 -9.95 16.49 -25.10
CA LEU B 133 -9.58 17.02 -23.79
C LEU B 133 -9.57 18.54 -23.76
N THR B 134 -10.23 19.09 -22.75
CA THR B 134 -10.13 20.50 -22.45
C THR B 134 -9.92 20.69 -20.95
N LEU B 135 -9.44 21.87 -20.59
N LEU B 135 -9.39 21.85 -20.58
CA LEU B 135 -9.05 22.18 -19.22
CA LEU B 135 -9.18 22.16 -19.18
C LEU B 135 -9.25 23.67 -18.93
C LEU B 135 -9.28 23.65 -18.93
N GLY B 136 -9.62 23.98 -17.70
CA GLY B 136 -9.72 25.37 -17.26
C GLY B 136 -9.35 25.49 -15.79
N ILE B 137 -8.95 26.69 -15.38
CA ILE B 137 -8.49 26.91 -14.01
C ILE B 137 -9.20 28.08 -13.35
N ALA B 138 -9.14 28.10 -12.02
CA ALA B 138 -9.68 29.20 -11.24
C ALA B 138 -9.07 29.22 -9.84
N PHE B 139 -9.21 30.35 -9.17
CA PHE B 139 -8.71 30.55 -7.82
C PHE B 139 -9.77 31.19 -6.96
N THR B 140 -9.78 30.85 -5.68
CA THR B 140 -10.60 31.58 -4.72
C THR B 140 -9.75 32.61 -4.02
N ARG B 141 -10.41 33.48 -3.27
CA ARG B 141 -9.76 34.35 -2.32
C ARG B 141 -9.14 33.52 -1.18
N ASP B 142 -8.22 34.15 -0.45
CA ASP B 142 -7.71 33.57 0.79
C ASP B 142 -8.83 33.40 1.79
N PHE B 143 -8.76 32.32 2.55
CA PHE B 143 -9.73 32.05 3.60
C PHE B 143 -9.18 32.44 4.96
N LEU B 144 -10.05 33.00 5.80
CA LEU B 144 -9.75 33.17 7.21
C LEU B 144 -9.70 31.77 7.84
N PRO B 145 -8.84 31.57 8.85
CA PRO B 145 -8.76 30.27 9.50
C PRO B 145 -10.12 29.69 9.90
N GLU B 146 -10.98 30.55 10.45
CA GLU B 146 -12.33 30.15 10.90
C GLU B 146 -13.30 29.77 9.77
N GLU B 147 -12.92 30.06 8.53
CA GLU B 147 -13.72 29.69 7.35
C GLU B 147 -13.39 28.30 6.81
N ILE B 148 -12.23 27.77 7.18
CA ILE B 148 -11.81 26.45 6.70
C ILE B 148 -12.74 25.37 7.24
N GLY B 149 -13.19 24.50 6.36
CA GLY B 149 -14.12 23.43 6.70
C GLY B 149 -15.57 23.85 6.79
N ARG B 150 -15.87 25.06 6.36
CA ARG B 150 -17.20 25.66 6.58
C ARG B 150 -17.79 26.35 5.35
N HIS B 151 -19.00 26.90 5.53
CA HIS B 151 -19.80 27.51 4.46
C HIS B 151 -19.01 28.34 3.45
N ALA B 152 -18.19 29.26 3.94
CA ALA B 152 -17.44 30.17 3.07
C ALA B 152 -16.53 29.40 2.12
N GLN B 153 -15.88 28.35 2.62
CA GLN B 153 -15.03 27.51 1.78
C GLN B 153 -15.85 26.75 0.75
N ILE B 154 -17.02 26.27 1.17
CA ILE B 154 -17.92 25.56 0.26
C ILE B 154 -18.36 26.47 -0.87
N THR B 155 -18.86 27.65 -0.54
N THR B 155 -18.85 27.65 -0.49
CA THR B 155 -19.45 28.54 -1.55
CA THR B 155 -19.43 28.64 -1.41
C THR B 155 -18.40 29.21 -2.44
C THR B 155 -18.39 29.16 -2.41
N GLU B 156 -17.27 29.63 -1.89
CA GLU B 156 -16.20 30.21 -2.71
C GLU B 156 -15.66 29.17 -3.70
N THR B 157 -15.54 27.92 -3.24
CA THR B 157 -15.10 26.82 -4.11
C THR B 157 -16.10 26.60 -5.26
N ALA B 158 -17.39 26.56 -4.93
CA ALA B 158 -18.43 26.36 -5.94
C ALA B 158 -18.33 27.41 -7.04
N GLY B 159 -18.16 28.67 -6.64
CA GLY B 159 -17.96 29.78 -7.59
C GLY B 159 -16.77 29.54 -8.51
N ALA B 160 -15.65 29.15 -7.92
CA ALA B 160 -14.42 28.88 -8.66
C ALA B 160 -14.57 27.72 -9.64
N VAL B 161 -15.26 26.66 -9.22
CA VAL B 161 -15.50 25.51 -10.08
C VAL B 161 -16.26 25.91 -11.33
N LYS B 162 -17.31 26.71 -11.17
CA LYS B 162 -18.08 27.19 -12.30
C LYS B 162 -17.23 28.06 -13.21
N ARG B 163 -16.39 28.91 -12.61
CA ARG B 163 -15.46 29.75 -13.38
C ARG B 163 -14.46 28.91 -14.17
N ALA B 164 -13.96 27.84 -13.55
CA ALA B 164 -13.00 26.95 -14.21
C ALA B 164 -13.64 26.21 -15.38
N MET B 165 -14.88 25.78 -15.18
CA MET B 165 -15.66 25.10 -16.24
C MET B 165 -15.86 26.02 -17.44
N ARG B 166 -16.24 27.26 -17.17
CA ARG B 166 -16.38 28.29 -18.21
C ARG B 166 -15.04 28.52 -18.92
N ASP B 167 -13.99 28.69 -18.14
CA ASP B 167 -12.63 28.86 -18.66
C ASP B 167 -12.21 27.69 -19.56
N ALA B 168 -12.69 26.49 -19.22
CA ALA B 168 -12.40 25.28 -19.99
C ALA B 168 -13.23 25.14 -21.26
N GLY B 169 -14.32 25.89 -21.36
CA GLY B 169 -15.28 25.74 -22.45
C GLY B 169 -16.06 24.44 -22.35
N ILE B 170 -16.36 24.04 -21.12
CA ILE B 170 -17.12 22.82 -20.87
C ILE B 170 -18.60 23.18 -20.88
N ALA B 171 -19.32 22.64 -21.85
CA ALA B 171 -20.69 23.07 -22.16
C ALA B 171 -21.71 22.60 -21.12
N SER B 172 -21.55 21.37 -20.65
CA SER B 172 -22.45 20.80 -19.64
C SER B 172 -21.71 19.93 -18.65
N ILE B 173 -22.39 19.60 -17.55
CA ILE B 173 -21.84 18.77 -16.48
C ILE B 173 -21.44 17.38 -16.99
N ASP B 174 -22.19 16.89 -17.97
CA ASP B 174 -21.90 15.60 -18.61
C ASP B 174 -20.50 15.53 -19.24
N ASP B 175 -19.97 16.69 -19.63
CA ASP B 175 -18.65 16.78 -20.25
C ASP B 175 -17.53 17.12 -19.25
N LEU B 176 -17.87 17.19 -17.96
CA LEU B 176 -16.88 17.40 -16.91
C LEU B 176 -16.47 16.04 -16.33
N HIS B 177 -15.17 15.79 -16.26
N HIS B 177 -15.17 15.79 -16.23
CA HIS B 177 -14.64 14.47 -15.87
CA HIS B 177 -14.67 14.46 -15.84
C HIS B 177 -13.76 14.45 -14.62
C HIS B 177 -13.75 14.45 -14.61
N PHE B 178 -13.25 15.61 -14.21
CA PHE B 178 -12.35 15.68 -13.05
C PHE B 178 -12.23 17.13 -12.57
N VAL B 179 -12.45 17.33 -11.28
CA VAL B 179 -12.24 18.64 -10.67
C VAL B 179 -11.24 18.49 -9.54
N GLN B 180 -10.05 19.00 -9.78
CA GLN B 180 -8.99 19.00 -8.78
C GLN B 180 -9.01 20.30 -7.99
N VAL B 181 -8.95 20.20 -6.68
N VAL B 181 -8.94 20.20 -6.67
CA VAL B 181 -8.83 21.38 -5.82
CA VAL B 181 -8.83 21.39 -5.84
C VAL B 181 -7.68 21.24 -4.83
C VAL B 181 -7.68 21.24 -4.85
N LYS B 182 -6.87 22.30 -4.73
CA LYS B 182 -5.88 22.40 -3.67
C LYS B 182 -6.43 23.38 -2.64
N CYS B 183 -6.32 23.04 -1.37
CA CYS B 183 -6.95 23.79 -0.28
C CYS B 183 -6.03 23.91 0.94
N PRO B 184 -6.34 24.84 1.87
CA PRO B 184 -5.44 25.08 3.00
C PRO B 184 -5.68 24.14 4.17
N LEU B 185 -4.96 24.40 5.25
CA LEU B 185 -5.12 23.66 6.50
C LEU B 185 -4.89 24.60 7.65
N LEU B 186 -5.11 24.10 8.86
CA LEU B 186 -4.90 24.89 10.06
C LEU B 186 -3.57 24.55 10.73
N THR B 187 -2.93 25.60 11.25
CA THR B 187 -1.74 25.50 12.07
C THR B 187 -2.08 26.11 13.43
N PRO B 188 -1.22 25.93 14.45
CA PRO B 188 -1.48 26.56 15.73
C PRO B 188 -1.61 28.08 15.66
N ALA B 189 -0.79 28.71 14.82
CA ALA B 189 -0.85 30.16 14.61
C ALA B 189 -2.21 30.60 14.05
N LYS B 190 -2.74 29.84 13.10
CA LYS B 190 -4.05 30.15 12.51
C LYS B 190 -5.19 29.90 13.49
N ILE B 191 -5.07 28.83 14.27
CA ILE B 191 -6.04 28.54 15.32
C ILE B 191 -6.09 29.68 16.35
N ALA B 192 -4.91 30.18 16.73
CA ALA B 192 -4.79 31.27 17.70
C ALA B 192 -5.37 32.58 17.14
N SER B 193 -5.10 32.84 15.86
CA SER B 193 -5.63 34.01 15.17
C SER B 193 -7.17 33.98 15.15
N ALA B 194 -7.73 32.81 14.85
CA ALA B 194 -9.18 32.61 14.85
C ALA B 194 -9.78 32.93 16.21
N ARG B 195 -9.21 32.32 17.24
CA ARG B 195 -9.66 32.55 18.63
C ARG B 195 -9.55 34.00 19.07
N SER B 196 -8.55 34.71 18.56
CA SER B 196 -8.35 36.13 18.85
C SER B 196 -9.50 37.01 18.36
N ARG B 197 -10.25 36.54 17.37
CA ARG B 197 -11.44 37.22 16.87
C ARG B 197 -12.74 36.65 17.44
N GLY B 198 -12.62 35.78 18.45
CA GLY B 198 -13.78 35.15 19.06
C GLY B 198 -14.45 34.06 18.23
N CYS B 199 -13.73 33.56 17.23
CA CYS B 199 -14.24 32.48 16.37
C CYS B 199 -13.43 31.20 16.52
N ALA B 200 -14.04 30.23 17.19
CA ALA B 200 -13.53 28.86 17.21
C ALA B 200 -13.32 28.33 15.79
N PRO B 201 -12.13 27.76 15.50
CA PRO B 201 -11.98 27.08 14.22
C PRO B 201 -12.72 25.75 14.20
N VAL B 202 -12.83 25.14 13.01
CA VAL B 202 -13.61 23.91 12.86
C VAL B 202 -13.03 22.75 13.68
N THR B 203 -11.71 22.81 13.91
CA THR B 203 -11.02 21.83 14.77
C THR B 203 -9.75 22.46 15.31
N THR B 204 -9.22 21.90 16.40
CA THR B 204 -7.93 22.35 16.95
C THR B 204 -6.80 21.36 16.64
N ASP B 205 -7.15 20.25 15.99
CA ASP B 205 -6.15 19.27 15.54
C ASP B 205 -5.72 19.59 14.11
N THR B 206 -4.44 19.86 13.91
CA THR B 206 -3.95 20.30 12.60
C THR B 206 -4.13 19.23 11.53
N TYR B 207 -3.90 17.96 11.89
CA TYR B 207 -4.09 16.87 10.93
C TYR B 207 -5.57 16.75 10.55
N GLU B 208 -6.45 16.80 11.54
CA GLU B 208 -7.90 16.72 11.26
C GLU B 208 -8.37 17.86 10.38
N SER B 209 -7.75 19.03 10.52
CA SER B 209 -8.13 20.21 9.72
C SER B 209 -7.99 19.96 8.22
N MET B 210 -7.06 19.09 7.84
CA MET B 210 -6.85 18.76 6.43
C MET B 210 -8.09 18.09 5.84
N GLY B 211 -8.67 17.17 6.60
CA GLY B 211 -9.91 16.50 6.18
C GLY B 211 -11.10 17.45 6.07
N TYR B 212 -11.22 18.38 7.02
CA TYR B 212 -12.27 19.40 6.97
C TYR B 212 -12.14 20.29 5.73
N SER B 213 -10.90 20.70 5.44
CA SER B 213 -10.63 21.53 4.27
C SER B 213 -10.97 20.79 2.97
N ARG B 214 -10.47 19.56 2.84
CA ARG B 214 -10.76 18.72 1.67
C ARG B 214 -12.26 18.49 1.51
N GLY B 215 -12.92 18.17 2.62
CA GLY B 215 -14.34 17.86 2.62
C GLY B 215 -15.21 19.03 2.21
N ALA B 216 -14.99 20.20 2.82
CA ALA B 216 -15.72 21.42 2.46
C ALA B 216 -15.48 21.79 1.00
N SER B 217 -14.23 21.66 0.57
CA SER B 217 -13.89 21.93 -0.84
C SER B 217 -14.63 20.98 -1.78
N ALA B 218 -14.64 19.70 -1.45
CA ALA B 218 -15.33 18.69 -2.25
C ALA B 218 -16.84 18.96 -2.33
N LEU B 219 -17.42 19.37 -1.21
CA LEU B 219 -18.85 19.72 -1.19
C LEU B 219 -19.11 20.96 -2.04
N GLY B 220 -18.15 21.88 -2.06
CA GLY B 220 -18.20 23.03 -2.98
C GLY B 220 -18.28 22.59 -4.42
N ILE B 221 -17.50 21.56 -4.75
CA ILE B 221 -17.56 20.96 -6.08
C ILE B 221 -18.93 20.34 -6.34
N ALA B 222 -19.43 19.60 -5.36
CA ALA B 222 -20.75 18.95 -5.47
C ALA B 222 -21.87 19.97 -5.66
N LEU B 223 -21.73 21.12 -5.00
CA LEU B 223 -22.70 22.23 -5.15
C LEU B 223 -22.69 22.77 -6.58
N ALA B 224 -21.50 23.11 -7.07
CA ALA B 224 -21.34 23.66 -8.42
C ALA B 224 -21.84 22.71 -9.50
N THR B 225 -21.65 21.41 -9.29
CA THR B 225 -22.06 20.39 -10.26
C THR B 225 -23.49 19.89 -10.05
N GLU B 226 -24.16 20.39 -9.01
CA GLU B 226 -25.54 20.01 -8.68
C GLU B 226 -25.71 18.51 -8.37
N GLU B 227 -24.66 17.90 -7.84
CA GLU B 227 -24.74 16.51 -7.38
C GLU B 227 -25.35 16.44 -5.99
N VAL B 228 -25.23 17.55 -5.25
CA VAL B 228 -25.84 17.70 -3.94
C VAL B 228 -26.63 19.00 -3.95
N PRO B 229 -27.87 18.97 -3.45
CA PRO B 229 -28.62 20.23 -3.36
C PRO B 229 -28.06 21.15 -2.28
N SER B 230 -28.12 22.45 -2.54
N SER B 230 -28.08 22.44 -2.56
CA SER B 230 -27.62 23.48 -1.61
CA SER B 230 -27.52 23.45 -1.67
C SER B 230 -28.23 23.38 -0.22
C SER B 230 -28.06 23.33 -0.25
N SER B 231 -29.48 22.94 -0.15
N SER B 231 -29.35 23.01 -0.15
CA SER B 231 -30.21 22.86 1.12
CA SER B 231 -30.03 22.93 1.15
C SER B 231 -29.48 21.99 2.17
C SER B 231 -29.28 22.08 2.17
N MET B 232 -28.78 20.97 1.72
N MET B 232 -28.72 20.96 1.72
CA MET B 232 -28.14 20.01 2.64
CA MET B 232 -28.10 20.01 2.65
C MET B 232 -26.74 20.42 3.12
C MET B 232 -26.73 20.44 3.15
N LEU B 233 -26.15 21.46 2.52
CA LEU B 233 -24.75 21.81 2.78
C LEU B 233 -24.53 22.75 3.96
N VAL B 234 -25.12 22.40 5.10
CA VAL B 234 -24.88 23.11 6.35
C VAL B 234 -23.52 22.70 6.93
N ASP B 235 -22.94 23.58 7.75
CA ASP B 235 -21.62 23.31 8.35
C ASP B 235 -21.52 21.97 9.04
N GLU B 236 -22.59 21.58 9.73
N GLU B 236 -22.59 21.56 9.74
CA GLU B 236 -22.64 20.33 10.48
CA GLU B 236 -22.55 20.32 10.51
C GLU B 236 -22.54 19.07 9.62
C GLU B 236 -22.58 19.05 9.64
N SER B 237 -22.86 19.19 8.34
CA SER B 237 -22.80 18.05 7.42
C SER B 237 -21.36 17.67 7.02
N VAL B 238 -20.44 18.63 7.15
CA VAL B 238 -19.03 18.41 6.77
C VAL B 238 -18.40 17.35 7.70
N LEU B 239 -17.90 16.29 7.07
CA LEU B 239 -17.30 15.09 7.71
C LEU B 239 -18.26 14.21 8.52
N ASN B 240 -19.54 14.56 8.51
CA ASN B 240 -20.55 13.82 9.29
C ASN B 240 -21.45 13.02 8.36
N ASP B 241 -21.96 13.68 7.32
CA ASP B 241 -22.86 13.06 6.37
C ASP B 241 -22.13 12.44 5.18
N TRP B 242 -21.81 11.15 5.30
CA TRP B 242 -21.09 10.39 4.27
C TRP B 242 -21.84 10.27 2.95
N SER B 243 -23.16 10.38 2.98
CA SER B 243 -23.96 10.24 1.76
C SER B 243 -23.86 11.44 0.83
N LEU B 244 -23.31 12.55 1.33
CA LEU B 244 -23.09 13.73 0.49
C LEU B 244 -21.73 13.66 -0.16
N SER B 245 -21.69 13.69 -1.47
CA SER B 245 -20.42 13.62 -2.18
C SER B 245 -20.51 14.07 -3.62
N SER B 246 -19.34 14.38 -4.17
CA SER B 246 -19.19 14.55 -5.61
C SER B 246 -18.42 13.36 -6.18
N SER B 247 -18.92 12.83 -7.28
N SER B 247 -18.92 12.82 -7.29
CA SER B 247 -18.26 11.74 -7.99
CA SER B 247 -18.25 11.73 -8.00
C SER B 247 -17.14 12.23 -8.91
C SER B 247 -17.14 12.23 -8.91
N LEU B 248 -16.93 13.55 -8.95
CA LEU B 248 -15.90 14.18 -9.80
C LEU B 248 -14.76 14.84 -9.02
N ALA B 249 -14.92 14.90 -7.69
CA ALA B 249 -14.08 15.76 -6.86
C ALA B 249 -12.79 15.07 -6.38
N SER B 250 -11.69 15.82 -6.45
CA SER B 250 -10.39 15.40 -5.97
C SER B 250 -9.77 16.58 -5.22
N ALA B 251 -9.78 16.51 -3.90
CA ALA B 251 -9.31 17.60 -3.05
C ALA B 251 -8.05 17.21 -2.28
N SER B 252 -7.08 18.13 -2.27
CA SER B 252 -5.81 17.94 -1.58
C SER B 252 -5.49 19.18 -0.75
N ALA B 253 -5.31 18.98 0.57
CA ALA B 253 -4.96 20.07 1.48
C ALA B 253 -3.45 20.24 1.61
N GLY B 254 -3.02 21.46 1.92
CA GLY B 254 -1.60 21.75 2.10
C GLY B 254 -1.33 23.01 2.89
N ILE B 255 -0.15 23.06 3.51
CA ILE B 255 0.30 24.19 4.32
C ILE B 255 0.74 25.37 3.46
N GLU B 256 0.96 25.10 2.18
CA GLU B 256 1.60 26.06 1.26
C GLU B 256 0.72 27.16 0.67
N LEU B 257 -0.56 27.17 1.02
CA LEU B 257 -1.47 28.18 0.47
C LEU B 257 -2.62 28.46 1.43
N GLU B 258 -3.21 29.65 1.29
CA GLU B 258 -4.34 30.07 2.13
C GLU B 258 -5.66 30.16 1.36
N HIS B 259 -5.62 29.89 0.06
CA HIS B 259 -6.80 29.94 -0.82
C HIS B 259 -7.02 28.56 -1.45
N ASN B 260 -8.07 28.44 -2.27
CA ASN B 260 -8.30 27.23 -3.06
C ASN B 260 -7.87 27.44 -4.50
N VAL B 261 -7.24 26.43 -5.08
CA VAL B 261 -6.85 26.41 -6.49
C VAL B 261 -7.69 25.33 -7.16
N VAL B 262 -8.30 25.67 -8.30
CA VAL B 262 -9.22 24.74 -8.97
C VAL B 262 -8.76 24.46 -10.41
N ILE B 263 -8.72 23.18 -10.76
CA ILE B 263 -8.51 22.74 -12.14
C ILE B 263 -9.71 21.89 -12.54
N ALA B 264 -10.42 22.32 -13.59
CA ALA B 264 -11.54 21.56 -14.14
C ALA B 264 -11.09 20.91 -15.44
N ILE B 265 -11.24 19.60 -15.53
CA ILE B 265 -10.81 18.84 -16.70
C ILE B 265 -12.01 18.11 -17.30
N GLY B 266 -12.12 18.18 -18.60
CA GLY B 266 -13.27 17.63 -19.28
C GLY B 266 -13.07 17.48 -20.76
N MET B 267 -14.19 17.44 -21.49
CA MET B 267 -14.18 17.18 -22.93
C MET B 267 -14.99 18.25 -23.63
N SER B 268 -14.56 18.59 -24.85
CA SER B 268 -15.25 19.60 -25.65
C SER B 268 -15.19 19.29 -27.14
N GLU B 269 -16.28 19.62 -27.83
CA GLU B 269 -16.34 19.56 -29.30
C GLU B 269 -15.36 20.54 -29.95
N GLN B 270 -15.10 21.63 -29.25
CA GLN B 270 -14.26 22.72 -29.78
C GLN B 270 -12.77 22.44 -29.60
N ALA B 271 -12.43 21.43 -28.81
CA ALA B 271 -11.03 21.11 -28.51
C ALA B 271 -10.42 20.23 -29.60
N THR B 272 -9.15 20.48 -29.91
CA THR B 272 -8.43 19.70 -30.94
C THR B 272 -7.35 18.80 -30.35
N SER B 273 -7.30 18.73 -29.02
CA SER B 273 -6.29 17.94 -28.32
C SER B 273 -6.22 16.51 -28.85
N GLU B 274 -5.02 15.95 -28.91
CA GLU B 274 -4.84 14.54 -29.27
C GLU B 274 -5.00 13.65 -28.03
N LEU B 275 -5.93 14.03 -27.17
CA LEU B 275 -6.13 13.36 -25.89
C LEU B 275 -7.60 13.34 -25.53
N VAL B 276 -7.98 12.32 -24.76
CA VAL B 276 -9.31 12.22 -24.19
C VAL B 276 -9.20 11.92 -22.70
N ILE B 277 -10.31 12.06 -22.00
CA ILE B 277 -10.36 11.75 -20.57
C ILE B 277 -11.64 10.97 -20.29
N ALA B 278 -11.54 10.02 -19.37
CA ALA B 278 -12.70 9.32 -18.83
C ALA B 278 -12.55 9.25 -17.32
N HIS B 279 -13.66 9.17 -16.62
CA HIS B 279 -13.62 9.07 -15.16
C HIS B 279 -14.49 7.95 -14.64
N GLY B 280 -14.20 7.57 -13.41
CA GLY B 280 -14.96 6.54 -12.72
C GLY B 280 -14.79 6.72 -11.24
N VAL B 281 -15.30 5.76 -10.48
N VAL B 281 -15.27 5.75 -10.49
CA VAL B 281 -15.19 5.78 -9.03
CA VAL B 281 -15.17 5.78 -9.04
C VAL B 281 -14.72 4.42 -8.54
C VAL B 281 -14.72 4.42 -8.53
N MET B 282 -13.74 4.42 -7.63
CA MET B 282 -13.32 3.21 -6.93
C MET B 282 -14.26 3.07 -5.75
N SER B 283 -14.89 1.91 -5.62
N SER B 283 -14.90 1.91 -5.63
CA SER B 283 -15.85 1.68 -4.52
CA SER B 283 -15.83 1.65 -4.53
C SER B 283 -15.12 1.57 -3.19
C SER B 283 -15.11 1.60 -3.20
N ASP B 284 -13.88 1.11 -3.24
CA ASP B 284 -12.99 1.11 -2.07
C ASP B 284 -11.53 1.13 -2.51
N ALA B 285 -10.60 1.10 -1.55
CA ALA B 285 -9.20 1.35 -1.82
C ALA B 285 -8.52 0.26 -2.66
N ILE B 286 -9.13 -0.92 -2.77
CA ILE B 286 -8.57 -2.03 -3.53
C ILE B 286 -9.38 -2.36 -4.79
N ASP B 287 -10.25 -1.44 -5.20
CA ASP B 287 -11.13 -1.64 -6.36
C ASP B 287 -10.41 -1.36 -7.68
N ALA B 288 -9.43 -2.21 -7.97
CA ALA B 288 -8.69 -2.15 -9.23
C ALA B 288 -9.60 -2.45 -10.41
N ALA B 289 -10.62 -3.28 -10.17
CA ALA B 289 -11.60 -3.65 -11.20
C ALA B 289 -12.25 -2.43 -11.88
N SER B 290 -12.63 -1.44 -11.08
N SER B 290 -12.61 -1.43 -11.09
CA SER B 290 -13.24 -0.22 -11.61
CA SER B 290 -13.24 -0.23 -11.64
C SER B 290 -12.28 0.57 -12.49
C SER B 290 -12.26 0.56 -12.52
N VAL B 291 -11.02 0.62 -12.08
CA VAL B 291 -9.96 1.30 -12.83
C VAL B 291 -9.76 0.61 -14.18
N ARG B 292 -9.71 -0.72 -14.16
CA ARG B 292 -9.61 -1.51 -15.40
C ARG B 292 -10.76 -1.22 -16.36
N ARG B 293 -11.96 -1.15 -15.80
CA ARG B 293 -13.19 -0.94 -16.60
C ARG B 293 -13.14 0.41 -17.34
N THR B 294 -12.69 1.44 -16.64
CA THR B 294 -12.57 2.77 -17.24
C THR B 294 -11.49 2.80 -18.32
N ILE B 295 -10.35 2.16 -18.04
CA ILE B 295 -9.27 2.07 -19.01
C ILE B 295 -9.75 1.32 -20.26
N GLU B 296 -10.46 0.22 -20.04
CA GLU B 296 -11.06 -0.57 -21.12
C GLU B 296 -12.02 0.27 -21.99
N SER B 297 -12.79 1.14 -21.35
CA SER B 297 -13.74 2.02 -22.05
C SER B 297 -13.05 2.99 -23.01
N LEU B 298 -11.78 3.29 -22.73
CA LEU B 298 -10.96 4.13 -23.62
C LEU B 298 -10.29 3.34 -24.75
N GLY B 299 -10.67 2.07 -24.91
CA GLY B 299 -10.14 1.22 -25.97
C GLY B 299 -8.77 0.61 -25.64
N ILE B 300 -8.39 0.67 -24.37
CA ILE B 300 -7.14 0.08 -23.91
C ILE B 300 -7.49 -1.27 -23.31
N ARG B 301 -7.17 -2.32 -24.08
CA ARG B 301 -7.66 -3.67 -23.84
C ARG B 301 -6.57 -4.75 -23.80
N SER B 302 -5.30 -4.36 -23.77
CA SER B 302 -4.21 -5.29 -23.48
C SER B 302 -3.11 -4.53 -22.74
N ASP B 303 -2.19 -5.28 -22.16
CA ASP B 303 -1.07 -4.68 -21.41
C ASP B 303 -0.17 -3.81 -22.31
N ASP B 304 -0.06 -4.18 -23.58
CA ASP B 304 0.75 -3.43 -24.55
C ASP B 304 0.12 -2.11 -24.98
N GLU B 305 -1.18 -1.95 -24.71
CA GLU B 305 -1.88 -0.70 -25.02
C GLU B 305 -1.88 0.29 -23.84
N MET B 306 -1.35 -0.13 -22.69
CA MET B 306 -1.30 0.73 -21.50
C MET B 306 -0.49 2.00 -21.75
N ASP B 307 0.47 1.94 -22.67
CA ASP B 307 1.31 3.11 -22.98
C ASP B 307 0.54 4.26 -23.64
N ARG B 308 -0.71 4.03 -23.99
CA ARG B 308 -1.61 5.09 -24.43
C ARG B 308 -2.08 6.01 -23.29
N ILE B 309 -1.95 5.55 -22.04
CA ILE B 309 -2.35 6.34 -20.88
C ILE B 309 -1.25 7.36 -20.57
N VAL B 310 -1.62 8.63 -20.52
CA VAL B 310 -0.68 9.69 -20.13
C VAL B 310 -0.52 9.68 -18.61
N ASN B 311 -1.65 9.66 -17.90
CA ASN B 311 -1.61 9.47 -16.45
C ASN B 311 -2.96 9.04 -15.90
N VAL B 312 -2.94 8.56 -14.66
CA VAL B 312 -4.14 8.25 -13.89
C VAL B 312 -4.13 9.15 -12.66
N PHE B 313 -5.31 9.68 -12.32
CA PHE B 313 -5.47 10.57 -11.16
C PHE B 313 -6.56 10.01 -10.29
N ALA B 314 -6.23 9.66 -9.05
CA ALA B 314 -7.16 8.93 -8.21
C ALA B 314 -7.15 9.42 -6.76
N LYS B 315 -8.33 9.36 -6.15
CA LYS B 315 -8.49 9.62 -4.73
C LYS B 315 -8.58 8.31 -3.97
N ALA B 316 -7.98 8.28 -2.78
CA ALA B 316 -7.98 7.09 -1.92
C ALA B 316 -8.20 7.52 -0.48
N GLU B 317 -8.81 6.64 0.32
CA GLU B 317 -8.93 6.93 1.75
C GLU B 317 -9.10 5.67 2.59
N ALA B 318 -8.82 5.83 3.88
CA ALA B 318 -9.08 4.79 4.86
C ALA B 318 -10.57 4.75 5.12
N SER B 319 -11.18 3.59 4.95
CA SER B 319 -12.63 3.44 5.11
C SER B 319 -13.03 3.89 6.51
N PRO B 320 -13.90 4.91 6.62
CA PRO B 320 -14.16 5.51 7.93
C PRO B 320 -14.95 4.62 8.90
N ASP B 321 -15.57 3.55 8.39
CA ASP B 321 -16.21 2.55 9.25
C ASP B 321 -15.20 1.55 9.87
N GLY B 322 -13.93 1.71 9.54
CA GLY B 322 -12.86 0.87 10.10
C GLY B 322 -12.71 -0.50 9.50
N VAL B 323 -13.38 -0.76 8.38
N VAL B 323 -13.31 -0.71 8.33
CA VAL B 323 -13.31 -2.06 7.71
CA VAL B 323 -13.37 -2.03 7.71
C VAL B 323 -13.19 -1.92 6.20
C VAL B 323 -13.23 -1.93 6.19
N VAL B 324 -12.55 -2.90 5.58
CA VAL B 324 -12.48 -3.03 4.13
C VAL B 324 -12.99 -4.42 3.74
N ARG B 325 -14.05 -4.42 2.95
CA ARG B 325 -14.75 -5.67 2.56
C ARG B 325 -14.91 -6.62 3.75
N GLY B 326 -15.43 -6.06 4.84
CA GLY B 326 -15.79 -6.85 6.02
C GLY B 326 -14.67 -7.14 7.01
N MET B 327 -13.43 -6.80 6.65
CA MET B 327 -12.27 -7.10 7.50
C MET B 327 -11.73 -5.80 8.11
N ARG B 328 -11.49 -5.84 9.41
CA ARG B 328 -10.93 -4.68 10.13
C ARG B 328 -9.64 -4.21 9.49
N HIS B 329 -9.48 -2.89 9.40
CA HIS B 329 -8.20 -2.29 9.02
C HIS B 329 -7.69 -1.41 10.17
N THR B 330 -6.39 -1.12 10.15
CA THR B 330 -5.73 -0.40 11.24
C THR B 330 -5.36 1.05 10.88
N MET B 331 -5.76 1.48 9.69
CA MET B 331 -5.32 2.78 9.13
C MET B 331 -5.76 3.99 9.93
N LEU B 332 -6.89 3.88 10.62
CA LEU B 332 -7.42 4.98 11.43
C LEU B 332 -7.07 4.89 12.93
N SER B 333 -6.43 3.80 13.32
N SER B 333 -6.40 3.81 13.32
CA SER B 333 -5.98 3.60 14.71
CA SER B 333 -5.98 3.62 14.71
C SER B 333 -4.46 3.60 14.86
C SER B 333 -4.46 3.65 14.87
N ASP B 334 -3.76 3.93 13.77
CA ASP B 334 -2.30 3.89 13.73
C ASP B 334 -1.74 5.27 14.02
N SER B 335 -1.16 5.43 15.20
CA SER B 335 -0.62 6.73 15.61
C SER B 335 0.78 7.02 15.07
N ASP B 336 1.41 6.03 14.45
CA ASP B 336 2.72 6.21 13.82
C ASP B 336 2.59 6.67 12.37
N ILE B 337 1.67 6.05 11.64
CA ILE B 337 1.45 6.30 10.23
C ILE B 337 0.00 6.76 10.01
N ASN B 338 -0.16 8.01 9.61
CA ASN B 338 -1.50 8.58 9.41
C ASN B 338 -2.28 7.88 8.29
N SER B 339 -3.60 7.96 8.38
CA SER B 339 -4.49 7.18 7.50
C SER B 339 -4.30 7.45 6.02
N THR B 340 -4.04 8.72 5.67
CA THR B 340 -3.85 9.09 4.27
C THR B 340 -2.57 8.46 3.68
N ARG B 341 -1.56 8.24 4.53
CA ARG B 341 -0.31 7.60 4.07
C ARG B 341 -0.57 6.13 3.72
N HIS B 342 -1.27 5.43 4.61
CA HIS B 342 -1.73 4.06 4.35
C HIS B 342 -2.57 3.98 3.08
N ALA B 343 -3.54 4.88 2.96
CA ALA B 343 -4.47 4.84 1.84
C ALA B 343 -3.77 5.03 0.49
N ARG B 344 -2.85 5.98 0.44
CA ARG B 344 -2.06 6.22 -0.78
C ARG B 344 -1.22 4.99 -1.14
N ALA B 345 -0.60 4.37 -0.13
CA ALA B 345 0.20 3.15 -0.36
C ALA B 345 -0.65 2.07 -1.02
N VAL B 346 -1.83 1.86 -0.46
CA VAL B 346 -2.75 0.82 -0.92
C VAL B 346 -3.24 1.05 -2.36
N THR B 347 -3.83 2.22 -2.60
CA THR B 347 -4.41 2.51 -3.90
C THR B 347 -3.34 2.69 -4.98
N GLY B 348 -2.21 3.26 -4.61
CA GLY B 348 -1.05 3.31 -5.49
C GLY B 348 -0.65 1.93 -5.98
N ALA B 349 -0.62 0.98 -5.05
CA ALA B 349 -0.27 -0.42 -5.38
C ALA B 349 -1.34 -1.08 -6.26
N ALA B 350 -2.61 -0.88 -5.91
CA ALA B 350 -3.73 -1.44 -6.68
C ALA B 350 -3.70 -0.94 -8.13
N ILE B 351 -3.53 0.37 -8.30
CA ILE B 351 -3.46 0.97 -9.63
C ILE B 351 -2.20 0.54 -10.38
N ALA B 352 -1.07 0.53 -9.68
CA ALA B 352 0.20 0.09 -10.29
C ALA B 352 0.11 -1.34 -10.81
N SER B 353 -0.62 -2.20 -10.09
CA SER B 353 -0.81 -3.59 -10.51
C SER B 353 -1.58 -3.71 -11.83
N VAL B 354 -2.35 -2.67 -12.17
CA VAL B 354 -3.07 -2.59 -13.45
C VAL B 354 -2.24 -1.94 -14.56
N VAL B 355 -1.74 -0.74 -14.31
CA VAL B 355 -1.07 0.05 -15.38
C VAL B 355 0.42 -0.29 -15.55
N GLY B 356 1.01 -0.93 -14.54
CA GLY B 356 2.37 -1.47 -14.65
C GLY B 356 3.47 -0.74 -13.92
N HIS B 357 3.14 0.35 -13.25
CA HIS B 357 4.12 1.10 -12.45
C HIS B 357 3.41 2.09 -11.55
N GLY B 358 4.16 2.71 -10.66
CA GLY B 358 3.61 3.61 -9.66
C GLY B 358 3.70 5.11 -9.93
N MET B 359 4.11 5.49 -11.13
CA MET B 359 4.16 6.91 -11.51
C MET B 359 2.76 7.39 -11.92
N VAL B 360 1.89 7.44 -10.93
CA VAL B 360 0.50 7.86 -11.09
C VAL B 360 0.14 8.82 -9.96
N TYR B 361 -0.84 9.68 -10.21
CA TYR B 361 -1.28 10.64 -9.21
C TYR B 361 -2.31 9.96 -8.31
N VAL B 362 -1.92 9.71 -7.07
CA VAL B 362 -2.82 9.16 -6.07
C VAL B 362 -2.77 10.08 -4.85
N SER B 363 -3.95 10.55 -4.45
CA SER B 363 -4.08 11.55 -3.40
C SER B 363 -5.01 11.00 -2.32
N GLY B 364 -4.62 11.18 -1.07
CA GLY B 364 -5.33 10.60 0.07
C GLY B 364 -6.33 11.54 0.72
N GLY B 365 -7.33 10.96 1.38
CA GLY B 365 -8.36 11.74 2.06
C GLY B 365 -9.46 12.10 1.07
N ALA B 366 -10.50 11.28 1.04
CA ALA B 366 -11.54 11.37 0.02
C ALA B 366 -12.88 11.69 0.65
N GLU B 367 -12.86 12.60 1.61
CA GLU B 367 -14.05 13.05 2.33
C GLU B 367 -14.99 13.73 1.34
N HIS B 368 -16.21 13.21 1.23
CA HIS B 368 -17.22 13.68 0.27
C HIS B 368 -16.77 13.61 -1.18
N GLN B 369 -15.85 12.69 -1.46
CA GLN B 369 -15.33 12.47 -2.80
C GLN B 369 -15.57 11.01 -3.12
N GLY B 370 -16.50 10.77 -4.04
CA GLY B 370 -16.97 9.42 -4.30
C GLY B 370 -17.63 8.82 -3.08
N PRO B 371 -17.72 7.47 -3.04
CA PRO B 371 -18.27 6.79 -1.87
C PRO B 371 -17.37 6.91 -0.66
N ALA B 372 -17.95 6.78 0.52
CA ALA B 372 -17.17 6.71 1.74
C ALA B 372 -16.30 5.47 1.67
N GLY B 373 -15.00 5.65 1.85
CA GLY B 373 -14.02 4.58 1.72
C GLY B 373 -13.49 4.40 0.31
N GLY B 374 -14.12 5.10 -0.64
CA GLY B 374 -13.68 5.09 -2.03
C GLY B 374 -13.34 6.49 -2.49
N GLY B 375 -13.15 6.64 -3.80
CA GLY B 375 -12.82 7.93 -4.37
C GLY B 375 -12.93 7.97 -5.88
N PRO B 376 -13.10 9.17 -6.44
CA PRO B 376 -13.10 9.32 -7.89
C PRO B 376 -11.72 9.15 -8.49
N PHE B 377 -11.69 8.79 -9.76
CA PHE B 377 -10.46 8.77 -10.51
C PHE B 377 -10.74 9.10 -11.96
N ALA B 378 -9.70 9.56 -12.64
CA ALA B 378 -9.78 9.84 -14.06
C ALA B 378 -8.54 9.34 -14.77
N VAL B 379 -8.70 9.06 -16.05
CA VAL B 379 -7.62 8.57 -16.90
C VAL B 379 -7.54 9.46 -18.14
N ILE B 380 -6.36 10.00 -18.39
CA ILE B 380 -6.10 10.76 -19.61
C ILE B 380 -5.30 9.86 -20.54
N ALA B 381 -5.82 9.68 -21.76
CA ALA B 381 -5.21 8.78 -22.73
C ALA B 381 -5.11 9.42 -24.11
N ARG B 382 -4.17 8.91 -24.91
CA ARG B 382 -4.05 9.31 -26.32
C ARG B 382 -5.38 9.03 -27.03
N ALA B 383 -5.82 9.97 -27.86
CA ALA B 383 -7.04 9.78 -28.65
C ALA B 383 -6.80 8.72 -29.74
#